data_5UNQ
#
_entry.id   5UNQ
#
_cell.length_a   54.214
_cell.length_b   57.586
_cell.length_c   63.528
_cell.angle_alpha   106.69
_cell.angle_beta   104.54
_cell.angle_gamma   94.03
#
_symmetry.space_group_name_H-M   'P 1'
#
loop_
_entity.id
_entity.type
_entity.pdbx_description
1 polymer 'Putative tautomerase'
2 polymer 'Putative tautomerase'
3 water water
#
loop_
_entity_poly.entity_id
_entity_poly.type
_entity_poly.pdbx_seq_one_letter_code
_entity_poly.pdbx_strand_id
1 'polypeptide(L)'
;PYVTISATEGLSAEKKKQLLERSSDAVVQSIGAPLASVRVMLHELPGGHYLNAGQFNTPGLMFVVDFIEGRTEEQRNALI
AALSKTGTETTGIPESEVRVRLLDFPKANMGMAGGISAKAMGR
;
A,D,E,F,C
2 'polypeptide(L)'
;(DYJ)YVTISATEGLSAEKKKQLLERSSDAVVQSIGAPLASVRVMLHELPGGHYLNAGQFNTPGLMFVVDFIEGRTEEQR
NALIAALSKTGTETTGIPESEVRVRLLDFPKANMGMAGGISAKAMGR
;
B
#
# COMPACT_ATOMS: atom_id res chain seq x y z
N PRO A 1 -10.52 -10.45 23.68
CA PRO A 1 -9.08 -10.29 23.48
C PRO A 1 -8.74 -9.78 22.09
N TYR A 2 -7.59 -9.15 21.94
CA TYR A 2 -7.12 -8.65 20.65
C TYR A 2 -5.87 -9.40 20.21
N VAL A 3 -5.91 -9.98 19.02
CA VAL A 3 -4.74 -10.66 18.47
C VAL A 3 -4.19 -9.89 17.27
N THR A 4 -3.06 -9.22 17.48
CA THR A 4 -2.45 -8.42 16.42
C THR A 4 -1.26 -9.14 15.80
N ILE A 5 -1.45 -9.62 14.57
CA ILE A 5 -0.44 -10.39 13.87
C ILE A 5 0.44 -9.53 12.97
N SER A 6 1.75 -9.58 13.19
CA SER A 6 2.71 -8.96 12.29
C SER A 6 3.35 -10.03 11.42
N ALA A 7 3.22 -9.87 10.11
CA ALA A 7 3.72 -10.88 9.17
C ALA A 7 4.38 -10.24 7.96
N THR A 8 5.51 -10.80 7.54
CA THR A 8 6.17 -10.34 6.33
C THR A 8 5.33 -10.68 5.10
N GLU A 9 5.39 -9.84 4.08
CA GLU A 9 4.60 -10.04 2.87
C GLU A 9 4.97 -11.33 2.16
N GLY A 10 4.03 -11.89 1.41
CA GLY A 10 4.28 -13.09 0.65
C GLY A 10 3.19 -14.13 0.76
N LEU A 11 2.40 -14.04 1.81
CA LEU A 11 1.32 -15.01 2.03
C LEU A 11 0.19 -14.81 1.02
N SER A 12 -0.34 -15.92 0.51
CA SER A 12 -1.49 -15.87 -0.38
C SER A 12 -2.73 -15.43 0.40
N ALA A 13 -3.81 -15.17 -0.32
CA ALA A 13 -5.05 -14.75 0.32
C ALA A 13 -5.62 -15.85 1.20
N GLU A 14 -5.60 -17.07 0.70
CA GLU A 14 -6.20 -18.20 1.41
C GLU A 14 -5.43 -18.54 2.69
N LYS A 15 -4.11 -18.32 2.67
CA LYS A 15 -3.30 -18.57 3.86
C LYS A 15 -3.52 -17.47 4.89
N LYS A 16 -3.67 -16.24 4.44
CA LYS A 16 -4.04 -15.14 5.33
C LYS A 16 -5.39 -15.44 5.96
N LYS A 17 -6.30 -15.95 5.16
CA LYS A 17 -7.64 -16.31 5.61
C LYS A 17 -7.60 -17.37 6.69
N GLN A 18 -6.86 -18.45 6.45
CA GLN A 18 -6.72 -19.53 7.42
C GLN A 18 -6.04 -19.05 8.70
N LEU A 19 -5.02 -18.22 8.55
CA LEU A 19 -4.25 -17.72 9.70
C LEU A 19 -5.13 -16.96 10.67
N LEU A 20 -5.97 -16.07 10.15
CA LEU A 20 -6.85 -15.26 10.98
C LEU A 20 -7.95 -16.11 11.60
N GLU A 21 -8.58 -16.95 10.79
CA GLU A 21 -9.67 -17.81 11.26
C GLU A 21 -9.20 -18.79 12.33
N ARG A 22 -8.01 -19.38 12.14
CA ARG A 22 -7.50 -20.37 13.09
C ARG A 22 -6.84 -19.72 14.31
N SER A 23 -6.42 -18.47 14.17
CA SER A 23 -5.90 -17.73 15.32
C SER A 23 -7.04 -17.41 16.27
N SER A 24 -8.20 -17.12 15.69
CA SER A 24 -9.42 -16.89 16.47
C SER A 24 -9.83 -18.16 17.20
N ASP A 25 -9.79 -19.28 16.50
CA ASP A 25 -10.10 -20.59 17.08
C ASP A 25 -9.14 -20.90 18.22
N ALA A 26 -7.86 -20.58 18.01
CA ALA A 26 -6.83 -20.84 19.00
C ALA A 26 -7.11 -20.11 20.32
N VAL A 27 -7.62 -18.89 20.20
CA VAL A 27 -7.97 -18.09 21.37
C VAL A 27 -9.15 -18.71 22.11
N VAL A 28 -10.20 -19.04 21.37
CA VAL A 28 -11.41 -19.60 21.93
C VAL A 28 -11.14 -20.93 22.65
N GLN A 29 -10.26 -21.75 22.08
CA GLN A 29 -9.99 -23.06 22.63
C GLN A 29 -9.02 -23.01 23.83
N SER A 30 -8.13 -22.04 23.83
CA SER A 30 -7.09 -21.97 24.87
C SER A 30 -7.56 -21.31 26.15
N ILE A 31 -8.22 -20.16 26.03
CA ILE A 31 -8.61 -19.39 27.21
C ILE A 31 -10.12 -19.37 27.40
N GLY A 32 -10.84 -20.12 26.56
CA GLY A 32 -12.28 -20.26 26.69
C GLY A 32 -13.06 -18.98 26.47
N ALA A 33 -12.46 -18.04 25.75
CA ALA A 33 -13.14 -16.78 25.45
C ALA A 33 -14.21 -16.98 24.39
N PRO A 34 -15.39 -16.37 24.59
CA PRO A 34 -16.49 -16.44 23.62
C PRO A 34 -16.07 -15.88 22.26
N LEU A 35 -16.55 -16.50 21.19
CA LEU A 35 -16.23 -16.08 19.83
C LEU A 35 -16.59 -14.62 19.59
N ALA A 36 -17.65 -14.16 20.25
CA ALA A 36 -18.14 -12.80 20.09
C ALA A 36 -17.20 -11.76 20.68
N SER A 37 -16.15 -12.21 21.36
CA SER A 37 -15.21 -11.31 22.01
C SER A 37 -13.84 -11.31 21.33
N VAL A 38 -13.65 -12.21 20.38
CA VAL A 38 -12.34 -12.40 19.77
C VAL A 38 -12.16 -11.56 18.50
N ARG A 39 -11.09 -10.78 18.46
CA ARG A 39 -10.75 -9.98 17.29
C ARG A 39 -9.33 -10.29 16.83
N VAL A 40 -9.16 -10.36 15.50
CA VAL A 40 -7.84 -10.61 14.93
C VAL A 40 -7.51 -9.54 13.89
N MET A 41 -6.33 -8.95 14.00
CA MET A 41 -5.88 -7.92 13.06
C MET A 41 -4.54 -8.28 12.46
N LEU A 42 -4.40 -8.07 11.16
CA LEU A 42 -3.17 -8.44 10.45
C LEU A 42 -2.42 -7.22 9.93
N HIS A 43 -1.17 -7.08 10.37
CA HIS A 43 -0.27 -6.06 9.84
C HIS A 43 0.79 -6.73 8.99
N GLU A 44 0.87 -6.33 7.72
CA GLU A 44 1.82 -6.95 6.81
C GLU A 44 3.07 -6.08 6.65
N LEU A 45 4.23 -6.69 6.88
CA LEU A 45 5.50 -5.99 6.78
C LEU A 45 6.11 -6.12 5.39
N PRO A 46 6.25 -4.99 4.69
CA PRO A 46 6.85 -4.96 3.35
C PRO A 46 8.33 -5.34 3.37
N GLY A 47 8.93 -5.50 2.20
CA GLY A 47 10.33 -5.83 2.09
C GLY A 47 11.24 -4.77 2.69
N GLY A 48 12.21 -5.23 3.48
CA GLY A 48 13.16 -4.33 4.10
C GLY A 48 12.62 -3.66 5.35
N HIS A 49 11.43 -4.06 5.79
CA HIS A 49 10.81 -3.48 6.98
C HIS A 49 10.90 -4.39 8.19
N TYR A 50 11.59 -5.51 8.05
CA TYR A 50 11.77 -6.44 9.16
C TYR A 50 13.20 -6.94 9.25
N LEU A 51 13.87 -6.59 10.34
CA LEU A 51 15.24 -7.03 10.57
C LEU A 51 15.26 -8.14 11.61
N ASN A 52 15.67 -9.33 11.18
CA ASN A 52 15.69 -10.50 12.04
C ASN A 52 17.13 -10.93 12.36
N ALA A 53 17.58 -10.59 13.56
CA ALA A 53 18.93 -10.92 14.03
C ALA A 53 20.00 -10.42 13.08
N GLY A 54 19.82 -9.20 12.57
CA GLY A 54 20.80 -8.58 11.70
C GLY A 54 20.65 -8.93 10.23
N GLN A 55 19.64 -9.71 9.89
CA GLN A 55 19.40 -10.09 8.51
C GLN A 55 18.04 -9.62 8.00
N PHE A 56 18.04 -9.06 6.79
CA PHE A 56 16.80 -8.62 6.14
C PHE A 56 16.17 -9.73 5.32
N ASN A 57 14.96 -9.48 4.83
CA ASN A 57 14.28 -10.36 3.88
C ASN A 57 14.05 -11.79 4.37
N THR A 58 13.89 -11.95 5.69
CA THR A 58 13.55 -13.27 6.23
C THR A 58 12.05 -13.33 6.54
N PRO A 59 11.46 -14.53 6.46
CA PRO A 59 10.06 -14.70 6.85
C PRO A 59 9.85 -14.35 8.32
N GLY A 60 8.73 -13.70 8.63
CA GLY A 60 8.43 -13.31 9.99
C GLY A 60 6.96 -13.46 10.33
N LEU A 61 6.70 -13.90 11.56
CA LEU A 61 5.34 -14.06 12.05
C LEU A 61 5.31 -13.88 13.56
N MET A 62 4.77 -12.75 14.00
CA MET A 62 4.77 -12.41 15.42
C MET A 62 3.37 -12.09 15.93
N PHE A 63 2.96 -12.79 16.99
CA PHE A 63 1.66 -12.58 17.61
C PHE A 63 1.77 -11.72 18.86
N VAL A 64 0.90 -10.73 18.96
CA VAL A 64 0.73 -9.97 20.20
C VAL A 64 -0.72 -10.04 20.65
N VAL A 65 -0.95 -10.54 21.86
CA VAL A 65 -2.30 -10.68 22.38
C VAL A 65 -2.61 -9.64 23.45
N ASP A 66 -3.47 -8.69 23.11
CA ASP A 66 -3.94 -7.70 24.08
C ASP A 66 -5.19 -8.22 24.77
N PHE A 67 -5.12 -8.42 26.09
CA PHE A 67 -6.23 -8.99 26.82
C PHE A 67 -6.25 -8.58 28.29
N ILE A 68 -7.40 -8.78 28.92
CA ILE A 68 -7.63 -8.37 30.31
C ILE A 68 -6.86 -9.23 31.29
N GLU A 69 -6.32 -8.60 32.34
CA GLU A 69 -5.63 -9.29 33.42
C GLU A 69 -6.50 -10.39 34.05
N GLY A 70 -5.86 -11.43 34.57
CA GLY A 70 -6.58 -12.45 35.32
C GLY A 70 -6.43 -13.87 34.81
N ARG A 71 -5.88 -14.03 33.61
CA ARG A 71 -5.70 -15.36 33.05
C ARG A 71 -4.63 -16.13 33.81
N THR A 72 -4.83 -17.43 33.94
CA THR A 72 -3.91 -18.30 34.68
C THR A 72 -2.68 -18.62 33.84
N GLU A 73 -1.60 -19.03 34.51
CA GLU A 73 -0.37 -19.41 33.82
C GLU A 73 -0.64 -20.58 32.87
N GLU A 74 -1.54 -21.47 33.30
CA GLU A 74 -1.96 -22.59 32.47
C GLU A 74 -2.54 -22.12 31.14
N GLN A 75 -3.40 -21.10 31.21
CA GLN A 75 -4.04 -20.55 30.02
C GLN A 75 -3.03 -19.81 29.14
N ARG A 76 -2.13 -19.08 29.77
CA ARG A 76 -1.11 -18.33 29.05
C ARG A 76 -0.19 -19.25 28.25
N ASN A 77 0.26 -20.33 28.88
CA ASN A 77 1.09 -21.32 28.20
C ASN A 77 0.35 -21.99 27.05
N ALA A 78 -0.93 -22.30 27.29
CA ALA A 78 -1.75 -22.95 26.28
C ALA A 78 -2.02 -22.01 25.10
N LEU A 79 -2.22 -20.74 25.38
CA LEU A 79 -2.47 -19.74 24.35
C LEU A 79 -1.24 -19.55 23.46
N ILE A 80 -0.08 -19.43 24.10
CA ILE A 80 1.18 -19.32 23.38
C ILE A 80 1.42 -20.57 22.55
N ALA A 81 0.98 -21.71 23.07
CA ALA A 81 1.13 -22.98 22.37
C ALA A 81 0.22 -23.07 21.15
N ALA A 82 -1.03 -22.65 21.31
CA ALA A 82 -2.02 -22.74 20.25
C ALA A 82 -1.69 -21.82 19.07
N LEU A 83 -1.28 -20.59 19.39
CA LEU A 83 -0.99 -19.61 18.35
C LEU A 83 0.28 -19.95 17.58
N SER A 84 1.31 -20.38 18.29
CA SER A 84 2.56 -20.78 17.65
C SER A 84 2.32 -21.96 16.71
N LYS A 85 1.54 -22.92 17.17
CA LYS A 85 1.20 -24.09 16.37
C LYS A 85 0.35 -23.69 15.17
N THR A 86 -0.62 -22.81 15.40
CA THR A 86 -1.47 -22.30 14.33
C THR A 86 -0.65 -21.56 13.28
N GLY A 87 0.29 -20.74 13.75
CA GLY A 87 1.14 -19.97 12.87
C GLY A 87 1.93 -20.82 11.90
N THR A 88 2.44 -21.95 12.38
CA THR A 88 3.22 -22.85 11.55
C THR A 88 2.34 -23.68 10.61
N GLU A 89 1.22 -24.17 11.15
CA GLU A 89 0.30 -25.00 10.37
C GLU A 89 -0.30 -24.24 9.19
N THR A 90 -0.41 -22.93 9.32
CA THR A 90 -1.04 -22.12 8.29
C THR A 90 -0.04 -21.50 7.30
N THR A 91 1.00 -20.87 7.84
CA THR A 91 1.93 -20.12 7.00
C THR A 91 3.12 -20.97 6.55
N GLY A 92 3.44 -22.01 7.31
CA GLY A 92 4.58 -22.85 6.99
C GLY A 92 5.86 -22.35 7.65
N ILE A 93 5.76 -21.23 8.34
CA ILE A 93 6.88 -20.69 9.10
C ILE A 93 7.08 -21.50 10.38
N PRO A 94 8.27 -22.09 10.55
CA PRO A 94 8.53 -22.98 11.70
C PRO A 94 8.38 -22.28 13.05
N GLU A 95 8.00 -23.04 14.07
CA GLU A 95 7.76 -22.48 15.40
C GLU A 95 9.02 -21.90 16.03
N SER A 96 10.18 -22.27 15.49
CA SER A 96 11.44 -21.72 15.97
C SER A 96 11.56 -20.23 15.63
N GLU A 97 10.80 -19.80 14.63
CA GLU A 97 10.82 -18.41 14.19
C GLU A 97 9.57 -17.66 14.65
N VAL A 98 8.45 -18.37 14.77
CA VAL A 98 7.19 -17.79 15.23
C VAL A 98 7.32 -17.33 16.67
N ARG A 99 6.69 -16.19 16.99
CA ARG A 99 6.74 -15.63 18.33
C ARG A 99 5.39 -15.14 18.81
N VAL A 100 5.09 -15.39 20.08
CA VAL A 100 3.81 -15.00 20.65
C VAL A 100 4.01 -14.21 21.94
N ARG A 101 3.45 -13.00 22.00
CA ARG A 101 3.53 -12.16 23.19
C ARG A 101 2.17 -11.98 23.84
N LEU A 102 2.15 -11.88 25.16
CA LEU A 102 0.91 -11.65 25.91
C LEU A 102 1.00 -10.35 26.69
N LEU A 103 -0.01 -9.50 26.56
CA LEU A 103 -0.01 -8.20 27.21
C LEU A 103 -1.23 -8.03 28.13
N ASP A 104 -0.96 -7.94 29.42
CA ASP A 104 -2.03 -7.80 30.42
C ASP A 104 -2.54 -6.36 30.50
N PHE A 105 -3.86 -6.22 30.57
CA PHE A 105 -4.48 -4.93 30.80
C PHE A 105 -5.30 -4.96 32.08
N PRO A 106 -5.09 -3.96 32.95
CA PRO A 106 -6.01 -3.77 34.08
C PRO A 106 -7.44 -3.63 33.57
N LYS A 107 -8.42 -4.17 34.30
CA LYS A 107 -9.81 -4.13 33.86
C LYS A 107 -10.29 -2.70 33.61
N ALA A 108 -9.70 -1.75 34.33
CA ALA A 108 -10.05 -0.35 34.19
C ALA A 108 -9.42 0.26 32.94
N ASN A 109 -8.48 -0.46 32.34
CA ASN A 109 -7.79 0.00 31.13
C ASN A 109 -8.39 -0.52 29.84
N MET A 110 -9.27 -1.50 29.96
CA MET A 110 -9.83 -2.14 28.78
C MET A 110 -11.23 -1.63 28.48
N GLY A 111 -11.34 -0.73 27.51
CA GLY A 111 -12.62 -0.22 27.08
C GLY A 111 -13.41 -1.31 26.38
N MET A 112 -14.73 -1.29 26.59
CA MET A 112 -15.61 -2.30 26.01
C MET A 112 -16.65 -1.64 25.13
N ALA A 113 -17.67 -2.40 24.74
CA ALA A 113 -18.77 -1.86 23.97
C ALA A 113 -19.51 -0.80 24.77
N GLY A 114 -19.80 0.33 24.13
CA GLY A 114 -20.54 1.39 24.77
C GLY A 114 -19.67 2.45 25.43
N GLY A 115 -18.36 2.33 25.26
CA GLY A 115 -17.44 3.36 25.75
C GLY A 115 -17.18 3.37 27.25
N ILE A 116 -17.38 2.23 27.90
CA ILE A 116 -17.02 2.10 29.32
C ILE A 116 -16.05 0.93 29.48
N SER A 117 -15.32 0.93 30.59
CA SER A 117 -14.30 -0.09 30.83
C SER A 117 -14.90 -1.39 31.37
N ALA A 118 -14.09 -2.44 31.35
CA ALA A 118 -14.51 -3.73 31.88
C ALA A 118 -14.77 -3.63 33.38
N LYS A 119 -13.99 -2.80 34.06
CA LYS A 119 -14.17 -2.55 35.48
C LYS A 119 -15.52 -1.89 35.74
N ALA A 120 -15.90 -0.97 34.86
CA ALA A 120 -17.17 -0.26 34.99
C ALA A 120 -18.34 -1.20 34.77
N MET A 121 -18.14 -2.24 33.98
CA MET A 121 -19.17 -3.23 33.72
C MET A 121 -19.34 -4.18 34.92
N GLY A 122 -18.35 -4.18 35.80
CA GLY A 122 -18.41 -5.01 36.99
C GLY A 122 -17.51 -6.24 36.90
N ARG A 123 -16.86 -6.42 35.75
CA ARG A 123 -15.96 -7.55 35.57
C ARG A 123 -14.70 -7.37 36.44
N TYR B 2 7.33 -4.64 -23.56
CA TYR B 2 6.94 -4.47 -22.18
C TYR B 2 5.67 -5.27 -21.87
N VAL B 3 5.76 -6.17 -20.91
CA VAL B 3 4.58 -6.92 -20.47
C VAL B 3 4.09 -6.35 -19.15
N THR B 4 2.94 -5.68 -19.18
CA THR B 4 2.38 -5.10 -17.98
C THR B 4 1.15 -5.88 -17.53
N ILE B 5 1.31 -6.64 -16.45
CA ILE B 5 0.27 -7.52 -15.97
C ILE B 5 -0.58 -6.86 -14.89
N SER B 6 -1.90 -6.85 -15.09
CA SER B 6 -2.84 -6.40 -14.07
C SER B 6 -3.51 -7.61 -13.43
N ALA B 7 -3.22 -7.83 -12.15
CA ALA B 7 -3.78 -8.97 -11.44
C ALA B 7 -4.42 -8.53 -10.12
N THR B 8 -5.57 -9.13 -9.81
CA THR B 8 -6.21 -8.90 -8.52
C THR B 8 -5.35 -9.51 -7.42
N GLU B 9 -5.38 -8.91 -6.24
CA GLU B 9 -4.52 -9.33 -5.14
C GLU B 9 -4.88 -10.74 -4.66
N GLY B 10 -3.94 -11.38 -3.98
CA GLY B 10 -4.18 -12.70 -3.40
C GLY B 10 -3.12 -13.72 -3.73
N LEU B 11 -2.35 -13.48 -4.79
CA LEU B 11 -1.30 -14.40 -5.20
C LEU B 11 -0.16 -14.44 -4.19
N SER B 12 0.39 -15.62 -3.97
CA SER B 12 1.54 -15.78 -3.10
C SER B 12 2.78 -15.15 -3.74
N ALA B 13 3.84 -14.97 -2.96
CA ALA B 13 5.08 -14.43 -3.48
C ALA B 13 5.68 -15.37 -4.52
N GLU B 14 5.49 -16.68 -4.29
CA GLU B 14 6.00 -17.71 -5.20
C GLU B 14 5.31 -17.65 -6.55
N LYS B 15 4.00 -17.46 -6.54
CA LYS B 15 3.23 -17.44 -7.78
C LYS B 15 3.49 -16.18 -8.59
N LYS B 16 3.68 -15.05 -7.91
CA LYS B 16 4.04 -13.80 -8.60
C LYS B 16 5.37 -13.95 -9.33
N LYS B 17 6.33 -14.58 -8.65
CA LYS B 17 7.63 -14.83 -9.21
C LYS B 17 7.53 -15.70 -10.46
N GLN B 18 6.82 -16.83 -10.33
CA GLN B 18 6.62 -17.74 -11.44
C GLN B 18 5.81 -17.08 -12.57
N LEU B 19 4.83 -16.26 -12.19
CA LEU B 19 4.03 -15.55 -13.17
C LEU B 19 4.91 -14.67 -14.06
N LEU B 20 5.77 -13.89 -13.43
CA LEU B 20 6.64 -12.98 -14.15
C LEU B 20 7.70 -13.72 -14.95
N GLU B 21 8.34 -14.72 -14.33
CA GLU B 21 9.37 -15.51 -14.99
C GLU B 21 8.85 -16.21 -16.23
N ARG B 22 7.70 -16.86 -16.10
CA ARG B 22 7.16 -17.67 -17.18
C ARG B 22 6.42 -16.81 -18.21
N SER B 23 6.10 -15.57 -17.84
CA SER B 23 5.60 -14.60 -18.82
C SER B 23 6.73 -14.15 -19.71
N SER B 24 7.89 -13.93 -19.10
CA SER B 24 9.10 -13.58 -19.84
C SER B 24 9.48 -14.75 -20.75
N ASP B 25 9.39 -15.96 -20.23
CA ASP B 25 9.63 -17.17 -21.02
C ASP B 25 8.69 -17.23 -22.22
N ALA B 26 7.43 -16.86 -22.00
CA ALA B 26 6.41 -16.92 -23.04
C ALA B 26 6.74 -15.95 -24.18
N VAL B 27 7.27 -14.78 -23.83
CA VAL B 27 7.61 -13.77 -24.82
C VAL B 27 8.79 -14.21 -25.69
N VAL B 28 9.85 -14.67 -25.04
CA VAL B 28 11.05 -15.13 -25.74
C VAL B 28 10.72 -16.28 -26.69
N GLN B 29 9.79 -17.13 -26.29
CA GLN B 29 9.44 -18.30 -27.08
C GLN B 29 8.46 -17.96 -28.21
N SER B 30 7.48 -17.11 -27.92
CA SER B 30 6.44 -16.77 -28.89
C SER B 30 6.95 -15.96 -30.08
N ILE B 31 7.72 -14.91 -29.79
CA ILE B 31 8.12 -13.97 -30.83
C ILE B 31 9.63 -13.86 -30.99
N GLY B 32 10.36 -14.81 -30.41
CA GLY B 32 11.80 -14.88 -30.55
C GLY B 32 12.55 -13.65 -30.08
N ALA B 33 11.96 -12.93 -29.14
CA ALA B 33 12.61 -11.74 -28.59
C ALA B 33 13.72 -12.13 -27.63
N PRO B 34 14.89 -11.48 -27.76
CA PRO B 34 16.01 -11.72 -26.85
C PRO B 34 15.65 -11.38 -25.40
N LEU B 35 16.12 -12.20 -24.47
CA LEU B 35 15.83 -12.03 -23.05
C LEU B 35 16.23 -10.63 -22.53
N ALA B 36 17.33 -10.11 -23.05
CA ALA B 36 17.86 -8.83 -22.62
C ALA B 36 16.89 -7.66 -22.90
N SER B 37 15.91 -7.91 -23.75
CA SER B 37 14.97 -6.86 -24.14
C SER B 37 13.62 -6.98 -23.42
N VAL B 38 13.35 -8.17 -22.87
CA VAL B 38 12.05 -8.44 -22.26
C VAL B 38 11.92 -7.87 -20.86
N ARG B 39 10.84 -7.13 -20.63
CA ARG B 39 10.54 -6.58 -19.31
C ARG B 39 9.11 -6.89 -18.89
N VAL B 40 8.94 -7.35 -17.65
CA VAL B 40 7.62 -7.65 -17.12
C VAL B 40 7.35 -6.85 -15.84
N MET B 41 6.22 -6.16 -15.80
CA MET B 41 5.83 -5.38 -14.63
C MET B 41 4.46 -5.83 -14.10
N LEU B 42 4.32 -5.83 -12.78
CA LEU B 42 3.10 -6.33 -12.15
C LEU B 42 2.38 -5.24 -11.35
N HIS B 43 1.13 -4.99 -11.72
CA HIS B 43 0.27 -4.07 -10.97
C HIS B 43 -0.84 -4.85 -10.28
N GLU B 44 -0.87 -4.78 -8.96
CA GLU B 44 -1.87 -5.50 -8.18
C GLU B 44 -3.11 -4.64 -7.92
N LEU B 45 -4.28 -5.22 -8.18
CA LEU B 45 -5.55 -4.54 -7.97
C LEU B 45 -6.18 -4.93 -6.63
N PRO B 46 -6.26 -3.96 -5.71
CA PRO B 46 -6.87 -4.17 -4.39
C PRO B 46 -8.33 -4.63 -4.49
N GLY B 47 -8.86 -5.18 -3.41
CA GLY B 47 -10.24 -5.62 -3.37
C GLY B 47 -11.19 -4.46 -3.61
N GLY B 48 -12.08 -4.62 -4.58
CA GLY B 48 -13.04 -3.58 -4.92
C GLY B 48 -12.57 -2.66 -6.01
N HIS B 49 -11.33 -2.83 -6.46
CA HIS B 49 -10.78 -2.00 -7.52
C HIS B 49 -10.89 -2.67 -8.89
N TYR B 50 -11.69 -3.72 -8.97
CA TYR B 50 -11.90 -4.43 -10.22
C TYR B 50 -13.35 -4.85 -10.41
N LEU B 51 -14.04 -4.21 -11.35
CA LEU B 51 -15.41 -4.57 -11.68
C LEU B 51 -15.43 -5.48 -12.90
N ASN B 52 -16.04 -6.65 -12.76
CA ASN B 52 -16.07 -7.65 -13.82
C ASN B 52 -17.50 -8.06 -14.15
N ALA B 53 -18.02 -7.55 -15.26
CA ALA B 53 -19.39 -7.79 -15.70
C ALA B 53 -20.39 -7.40 -14.61
N GLY B 54 -20.13 -6.30 -13.92
CA GLY B 54 -21.01 -5.80 -12.89
C GLY B 54 -20.79 -6.43 -11.53
N GLN B 55 -19.79 -7.31 -11.44
CA GLN B 55 -19.50 -8.00 -10.19
C GLN B 55 -18.14 -7.59 -9.63
N PHE B 56 -18.11 -7.32 -8.33
CA PHE B 56 -16.87 -7.00 -7.63
C PHE B 56 -16.21 -8.27 -7.08
N ASN B 57 -14.97 -8.13 -6.62
CA ASN B 57 -14.25 -9.20 -5.92
C ASN B 57 -14.15 -10.53 -6.67
N THR B 58 -14.00 -10.46 -7.99
CA THR B 58 -13.73 -11.66 -8.77
C THR B 58 -12.25 -11.70 -9.13
N PRO B 59 -11.71 -12.92 -9.33
CA PRO B 59 -10.32 -13.04 -9.78
C PRO B 59 -10.09 -12.34 -11.13
N GLY B 60 -8.94 -11.69 -11.28
CA GLY B 60 -8.63 -10.97 -12.50
C GLY B 60 -7.18 -11.11 -12.91
N LEU B 61 -6.95 -11.30 -14.20
CA LEU B 61 -5.61 -11.39 -14.75
C LEU B 61 -5.59 -10.89 -16.19
N MET B 62 -4.97 -9.73 -16.41
CA MET B 62 -4.96 -9.12 -17.73
C MET B 62 -3.57 -8.70 -18.16
N PHE B 63 -3.16 -9.16 -19.34
CA PHE B 63 -1.86 -8.86 -19.91
C PHE B 63 -1.94 -7.73 -20.93
N VAL B 64 -0.98 -6.82 -20.88
CA VAL B 64 -0.85 -5.80 -21.92
C VAL B 64 0.60 -5.76 -22.40
N VAL B 65 0.80 -5.97 -23.70
CA VAL B 65 2.14 -5.99 -24.26
C VAL B 65 2.42 -4.77 -25.14
N ASP B 66 3.32 -3.91 -24.69
CA ASP B 66 3.79 -2.79 -25.48
C ASP B 66 5.03 -3.19 -26.27
N PHE B 67 4.89 -3.24 -27.59
CA PHE B 67 5.99 -3.71 -28.43
C PHE B 67 6.06 -3.00 -29.78
N ILE B 68 7.13 -3.27 -30.52
CA ILE B 68 7.39 -2.62 -31.80
C ILE B 68 6.50 -3.14 -32.91
N GLU B 69 6.03 -2.24 -33.77
CA GLU B 69 5.33 -2.62 -34.99
C GLU B 69 6.17 -3.61 -35.80
N GLY B 70 5.51 -4.54 -36.49
CA GLY B 70 6.23 -5.43 -37.37
C GLY B 70 5.93 -6.91 -37.19
N ARG B 71 5.57 -7.32 -35.98
CA ARG B 71 5.30 -8.74 -35.70
C ARG B 71 4.22 -9.29 -36.62
N THR B 72 4.42 -10.52 -37.09
CA THR B 72 3.46 -11.17 -37.98
C THR B 72 2.19 -11.57 -37.25
N GLU B 73 1.17 -11.96 -38.02
CA GLU B 73 -0.10 -12.39 -37.45
C GLU B 73 0.07 -13.65 -36.60
N GLU B 74 0.95 -14.54 -37.03
CA GLU B 74 1.19 -15.80 -36.32
C GLU B 74 1.91 -15.56 -35.00
N GLN B 75 2.81 -14.59 -34.98
CA GLN B 75 3.50 -14.20 -33.75
C GLN B 75 2.51 -13.61 -32.75
N ARG B 76 1.57 -12.81 -33.27
CA ARG B 76 0.55 -12.20 -32.42
C ARG B 76 -0.36 -13.26 -31.80
N ASN B 77 -0.74 -14.24 -32.61
CA ASN B 77 -1.61 -15.31 -32.14
C ASN B 77 -0.90 -16.25 -31.19
N ALA B 78 0.42 -16.35 -31.34
CA ALA B 78 1.22 -17.22 -30.47
C ALA B 78 1.51 -16.56 -29.13
N LEU B 79 1.74 -15.25 -29.16
CA LEU B 79 2.03 -14.50 -27.95
C LEU B 79 0.82 -14.45 -27.03
N ILE B 80 -0.35 -14.22 -27.62
CA ILE B 80 -1.61 -14.19 -26.88
C ILE B 80 -1.90 -15.55 -26.25
N ALA B 81 -1.69 -16.61 -27.03
CA ALA B 81 -1.97 -17.96 -26.58
C ALA B 81 -0.99 -18.42 -25.49
N ALA B 82 0.27 -18.00 -25.61
CA ALA B 82 1.30 -18.42 -24.67
C ALA B 82 1.15 -17.71 -23.32
N LEU B 83 0.84 -16.42 -23.36
CA LEU B 83 0.66 -15.64 -22.14
C LEU B 83 -0.61 -16.07 -21.41
N SER B 84 -1.65 -16.37 -22.18
CA SER B 84 -2.92 -16.83 -21.62
C SER B 84 -2.75 -18.19 -20.95
N LYS B 85 -2.01 -19.07 -21.61
CA LYS B 85 -1.75 -20.41 -21.10
C LYS B 85 -0.96 -20.37 -19.78
N THR B 86 0.13 -19.61 -19.77
CA THR B 86 0.99 -19.54 -18.60
C THR B 86 0.33 -18.76 -17.47
N GLY B 87 -0.61 -17.88 -17.81
CA GLY B 87 -1.34 -17.12 -16.83
C GLY B 87 -2.28 -18.01 -16.06
N THR B 88 -2.89 -18.96 -16.77
CA THR B 88 -3.82 -19.90 -16.17
C THR B 88 -3.10 -20.96 -15.34
N GLU B 89 -2.05 -21.54 -15.92
CA GLU B 89 -1.29 -22.58 -15.25
C GLU B 89 -0.62 -22.08 -13.97
N THR B 90 -0.29 -20.79 -13.93
CA THR B 90 0.36 -20.22 -12.76
C THR B 90 -0.65 -19.78 -11.70
N THR B 91 -1.68 -19.05 -12.12
CA THR B 91 -2.61 -18.44 -11.18
C THR B 91 -3.84 -19.31 -10.88
N GLY B 92 -4.20 -20.18 -11.80
CA GLY B 92 -5.37 -21.03 -11.63
C GLY B 92 -6.61 -20.45 -12.29
N ILE B 93 -6.56 -19.17 -12.61
CA ILE B 93 -7.65 -18.50 -13.32
C ILE B 93 -7.77 -19.04 -14.74
N PRO B 94 -8.95 -19.57 -15.09
CA PRO B 94 -9.20 -20.18 -16.40
C PRO B 94 -8.99 -19.20 -17.56
N GLU B 95 -8.67 -19.73 -18.74
CA GLU B 95 -8.37 -18.91 -19.91
C GLU B 95 -9.60 -18.14 -20.39
N SER B 96 -10.78 -18.53 -19.91
CA SER B 96 -12.02 -17.85 -20.25
C SER B 96 -12.06 -16.45 -19.63
N GLU B 97 -11.30 -16.26 -18.55
CA GLU B 97 -11.26 -15.00 -17.84
C GLU B 97 -9.98 -14.22 -18.11
N VAL B 98 -8.91 -14.94 -18.45
CA VAL B 98 -7.62 -14.32 -18.75
C VAL B 98 -7.68 -13.57 -20.07
N ARG B 99 -7.07 -12.38 -20.11
CA ARG B 99 -7.05 -11.56 -21.32
C ARG B 99 -5.64 -11.06 -21.63
N VAL B 100 -5.33 -10.95 -22.93
CA VAL B 100 -4.05 -10.42 -23.38
C VAL B 100 -4.26 -9.38 -24.47
N ARG B 101 -3.69 -8.18 -24.28
CA ARG B 101 -3.75 -7.14 -25.29
C ARG B 101 -2.39 -6.85 -25.90
N LEU B 102 -2.38 -6.49 -27.19
CA LEU B 102 -1.16 -6.14 -27.89
C LEU B 102 -1.23 -4.70 -28.40
N LEU B 103 -0.24 -3.89 -28.04
CA LEU B 103 -0.22 -2.50 -28.46
C LEU B 103 0.99 -2.20 -29.35
N ASP B 104 0.73 -1.94 -30.62
CA ASP B 104 1.79 -1.64 -31.59
C ASP B 104 2.37 -0.25 -31.38
N PHE B 105 3.69 -0.15 -31.45
CA PHE B 105 4.38 1.13 -31.38
C PHE B 105 5.19 1.39 -32.63
N PRO B 106 5.00 2.58 -33.25
CA PRO B 106 5.89 3.02 -34.31
C PRO B 106 7.32 3.13 -33.79
N LYS B 107 8.30 2.74 -34.60
CA LYS B 107 9.69 2.72 -34.18
C LYS B 107 10.18 4.11 -33.77
N ALA B 108 9.59 5.14 -34.37
CA ALA B 108 9.92 6.52 -34.03
C ALA B 108 9.47 6.87 -32.61
N ASN B 109 8.46 6.15 -32.12
CA ASN B 109 7.87 6.46 -30.82
C ASN B 109 8.43 5.66 -29.65
N MET B 110 9.20 4.62 -29.96
CA MET B 110 9.74 3.76 -28.91
C MET B 110 11.18 4.09 -28.56
N GLY B 111 11.38 4.70 -27.40
CA GLY B 111 12.72 4.99 -26.94
C GLY B 111 13.44 3.73 -26.52
N MET B 112 14.75 3.71 -26.70
CA MET B 112 15.55 2.56 -26.32
C MET B 112 16.60 2.99 -25.30
N ALA B 113 17.56 2.11 -25.02
CA ALA B 113 18.66 2.46 -24.14
C ALA B 113 19.46 3.60 -24.75
N GLY B 114 19.90 4.53 -23.92
CA GLY B 114 20.71 5.65 -24.38
C GLY B 114 19.91 6.88 -24.73
N GLY B 115 18.59 6.76 -24.70
CA GLY B 115 17.70 7.89 -24.93
C GLY B 115 17.44 8.19 -26.40
N ILE B 116 17.55 7.17 -27.24
CA ILE B 116 17.22 7.32 -28.65
C ILE B 116 16.15 6.32 -29.04
N SER B 117 15.51 6.53 -30.19
CA SER B 117 14.38 5.72 -30.60
C SER B 117 14.79 4.45 -31.32
N ALA B 118 13.83 3.60 -31.63
CA ALA B 118 14.07 2.36 -32.35
C ALA B 118 14.33 2.61 -33.82
N LYS B 119 13.67 3.63 -34.37
CA LYS B 119 13.87 4.02 -35.75
C LYS B 119 15.29 4.55 -35.95
N ALA B 120 15.76 5.32 -34.97
CA ALA B 120 17.11 5.86 -35.01
C ALA B 120 18.14 4.75 -35.04
N MET B 121 17.88 3.69 -34.28
CA MET B 121 18.77 2.53 -34.24
C MET B 121 18.65 1.67 -35.49
N GLY B 122 17.46 1.64 -36.07
CA GLY B 122 17.21 0.86 -37.27
C GLY B 122 16.65 -0.52 -36.98
N ARG B 123 15.83 -0.61 -35.93
CA ARG B 123 15.19 -1.87 -35.56
C ARG B 123 14.31 -2.40 -36.68
N PRO C 1 -14.47 -4.23 -23.59
CA PRO C 1 -13.90 -2.90 -23.32
C PRO C 1 -13.27 -2.82 -21.94
N TYR C 2 -12.11 -2.18 -21.85
CA TYR C 2 -11.41 -2.03 -20.57
C TYR C 2 -11.39 -0.57 -20.13
N VAL C 3 -12.01 -0.29 -18.99
CA VAL C 3 -12.01 1.05 -18.44
C VAL C 3 -11.00 1.16 -17.30
N THR C 4 -9.91 1.86 -17.54
CA THR C 4 -8.87 2.01 -16.53
C THR C 4 -8.89 3.42 -15.95
N ILE C 5 -9.20 3.51 -14.66
CA ILE C 5 -9.35 4.80 -13.99
C ILE C 5 -8.17 5.12 -13.07
N SER C 6 -7.59 6.30 -13.26
CA SER C 6 -6.56 6.79 -12.36
C SER C 6 -7.11 7.92 -11.51
N ALA C 7 -7.16 7.70 -10.20
CA ALA C 7 -7.73 8.69 -9.28
C ALA C 7 -6.79 8.97 -8.12
N THR C 8 -6.74 10.24 -7.70
CA THR C 8 -5.98 10.61 -6.51
C THR C 8 -6.66 10.02 -5.27
N GLU C 9 -5.87 9.71 -4.25
CA GLU C 9 -6.40 9.12 -3.03
C GLU C 9 -7.32 10.10 -2.28
N GLY C 10 -8.32 9.54 -1.59
CA GLY C 10 -9.20 10.36 -0.77
C GLY C 10 -10.66 9.93 -0.81
N LEU C 11 -11.05 9.23 -1.86
CA LEU C 11 -12.44 8.81 -2.01
C LEU C 11 -12.82 7.74 -1.00
N SER C 12 -14.06 7.79 -0.53
CA SER C 12 -14.59 6.78 0.38
C SER C 12 -14.78 5.47 -0.37
N ALA C 13 -15.04 4.40 0.38
CA ALA C 13 -15.30 3.10 -0.23
C ALA C 13 -16.57 3.15 -1.08
N GLU C 14 -17.54 3.94 -0.62
CA GLU C 14 -18.82 4.05 -1.31
C GLU C 14 -18.69 4.82 -2.62
N LYS C 15 -17.90 5.89 -2.62
CA LYS C 15 -17.69 6.69 -3.82
C LYS C 15 -16.91 5.89 -4.87
N LYS C 16 -15.97 5.06 -4.41
CA LYS C 16 -15.24 4.16 -5.29
C LYS C 16 -16.20 3.17 -5.95
N LYS C 17 -17.10 2.62 -5.14
CA LYS C 17 -18.08 1.65 -5.61
C LYS C 17 -19.00 2.25 -6.66
N GLN C 18 -19.47 3.47 -6.40
CA GLN C 18 -20.32 4.18 -7.34
C GLN C 18 -19.60 4.47 -8.65
N LEU C 19 -18.34 4.87 -8.55
CA LEU C 19 -17.55 5.26 -9.72
C LEU C 19 -17.39 4.11 -10.70
N LEU C 20 -17.04 2.93 -10.19
CA LEU C 20 -16.82 1.77 -11.04
C LEU C 20 -18.13 1.25 -11.62
N GLU C 21 -19.17 1.19 -10.79
CA GLU C 21 -20.47 0.72 -11.23
C GLU C 21 -21.06 1.60 -12.33
N ARG C 22 -21.04 2.92 -12.11
CA ARG C 22 -21.63 3.85 -13.07
C ARG C 22 -20.77 4.04 -14.32
N SER C 23 -19.47 3.76 -14.20
CA SER C 23 -18.59 3.79 -15.37
C SER C 23 -18.96 2.63 -16.28
N SER C 24 -19.32 1.51 -15.68
CA SER C 24 -19.75 0.33 -16.43
C SER C 24 -21.07 0.61 -17.13
N ASP C 25 -22.00 1.24 -16.42
CA ASP C 25 -23.27 1.64 -17.01
C ASP C 25 -23.05 2.61 -18.16
N ALA C 26 -22.08 3.52 -17.98
CA ALA C 26 -21.75 4.51 -19.00
C ALA C 26 -21.32 3.86 -20.31
N VAL C 27 -20.50 2.82 -20.20
CA VAL C 27 -20.03 2.09 -21.38
C VAL C 27 -21.18 1.38 -22.09
N VAL C 28 -21.97 0.65 -21.30
CA VAL C 28 -23.13 -0.08 -21.81
C VAL C 28 -24.10 0.87 -22.53
N GLN C 29 -24.30 2.05 -21.97
CA GLN C 29 -25.23 3.01 -22.53
C GLN C 29 -24.68 3.71 -23.78
N SER C 30 -23.40 4.08 -23.73
CA SER C 30 -22.79 4.88 -24.79
C SER C 30 -22.52 4.08 -26.07
N ILE C 31 -21.82 2.97 -25.95
CA ILE C 31 -21.38 2.23 -27.12
C ILE C 31 -22.12 0.90 -27.30
N GLY C 32 -23.10 0.64 -26.42
CA GLY C 32 -23.94 -0.53 -26.54
C GLY C 32 -23.23 -1.85 -26.28
N ALA C 33 -22.08 -1.79 -25.61
CA ALA C 33 -21.34 -2.99 -25.27
C ALA C 33 -22.07 -3.79 -24.19
N PRO C 34 -22.18 -5.12 -24.39
CA PRO C 34 -22.81 -6.02 -23.42
C PRO C 34 -22.10 -5.98 -22.06
N LEU C 35 -22.88 -6.07 -20.98
CA LEU C 35 -22.34 -6.03 -19.62
C LEU C 35 -21.31 -7.14 -19.39
N ALA C 36 -21.50 -8.27 -20.05
CA ALA C 36 -20.61 -9.42 -19.89
C ALA C 36 -19.21 -9.15 -20.43
N SER C 37 -19.06 -8.08 -21.19
CA SER C 37 -17.78 -7.74 -21.82
C SER C 37 -17.07 -6.58 -21.14
N VAL C 38 -17.77 -5.88 -20.26
CA VAL C 38 -17.25 -4.65 -19.67
C VAL C 38 -16.45 -4.88 -18.39
N ARG C 39 -15.26 -4.32 -18.34
CA ARG C 39 -14.40 -4.40 -17.17
C ARG C 39 -13.90 -3.02 -16.75
N VAL C 40 -13.87 -2.77 -15.45
CA VAL C 40 -13.38 -1.49 -14.93
C VAL C 40 -12.30 -1.73 -13.87
N MET C 41 -11.15 -1.08 -14.04
CA MET C 41 -10.05 -1.18 -13.09
C MET C 41 -9.72 0.18 -12.48
N LEU C 42 -9.46 0.21 -11.17
CA LEU C 42 -9.16 1.46 -10.48
C LEU C 42 -7.74 1.46 -9.91
N HIS C 43 -6.95 2.45 -10.32
CA HIS C 43 -5.63 2.66 -9.75
C HIS C 43 -5.61 3.96 -8.97
N GLU C 44 -5.24 3.89 -7.69
CA GLU C 44 -5.25 5.07 -6.83
C GLU C 44 -3.87 5.71 -6.73
N LEU C 45 -3.83 7.03 -6.88
CA LEU C 45 -2.58 7.79 -6.82
C LEU C 45 -2.36 8.40 -5.44
N PRO C 46 -1.30 7.95 -4.74
CA PRO C 46 -0.94 8.49 -3.43
C PRO C 46 -0.58 9.98 -3.49
N GLY C 47 -0.51 10.62 -2.32
CA GLY C 47 -0.15 12.01 -2.25
C GLY C 47 1.27 12.26 -2.73
N GLY C 48 1.41 13.22 -3.65
CA GLY C 48 2.72 13.55 -4.19
C GLY C 48 3.02 12.79 -5.47
N HIS C 49 2.11 11.92 -5.88
CA HIS C 49 2.31 11.12 -7.09
C HIS C 49 1.50 11.65 -8.27
N TYR C 50 0.91 12.83 -8.11
CA TYR C 50 0.18 13.45 -9.21
C TYR C 50 0.51 14.94 -9.34
N LEU C 51 1.14 15.29 -10.46
CA LEU C 51 1.49 16.67 -10.74
C LEU C 51 0.58 17.24 -11.82
N ASN C 52 -0.20 18.25 -11.45
CA ASN C 52 -1.16 18.86 -12.36
C ASN C 52 -0.82 20.32 -12.62
N ALA C 53 -0.28 20.60 -13.79
CA ALA C 53 0.12 21.96 -14.19
C ALA C 53 1.11 22.58 -13.20
N GLY C 54 2.06 21.78 -12.73
CA GLY C 54 3.08 22.26 -11.84
C GLY C 54 2.67 22.26 -10.37
N GLN C 55 1.46 21.80 -10.09
CA GLN C 55 0.94 21.79 -8.73
C GLN C 55 0.79 20.37 -8.19
N PHE C 56 1.20 20.16 -6.95
CA PHE C 56 1.03 18.87 -6.29
C PHE C 56 -0.25 18.86 -5.47
N ASN C 57 -0.73 17.65 -5.15
CA ASN C 57 -1.87 17.45 -4.26
C ASN C 57 -3.16 18.14 -4.73
N THR C 58 -3.43 18.03 -6.02
CA THR C 58 -4.72 18.47 -6.57
C THR C 58 -5.56 17.24 -6.87
N PRO C 59 -6.89 17.36 -6.76
CA PRO C 59 -7.78 16.25 -7.11
C PRO C 59 -7.60 15.80 -8.56
N GLY C 60 -7.55 14.49 -8.78
CA GLY C 60 -7.35 13.95 -10.12
C GLY C 60 -8.25 12.78 -10.44
N LEU C 61 -8.77 12.77 -11.67
CA LEU C 61 -9.61 11.68 -12.13
C LEU C 61 -9.47 11.52 -13.65
N MET C 62 -8.77 10.48 -14.07
CA MET C 62 -8.48 10.28 -15.49
C MET C 62 -8.93 8.91 -15.98
N PHE C 63 -9.69 8.91 -17.07
CA PHE C 63 -10.22 7.68 -17.65
C PHE C 63 -9.44 7.26 -18.89
N VAL C 64 -9.11 5.97 -18.97
CA VAL C 64 -8.52 5.40 -20.17
C VAL C 64 -9.31 4.18 -20.60
N VAL C 65 -9.83 4.23 -21.83
CA VAL C 65 -10.65 3.14 -22.35
C VAL C 65 -9.93 2.36 -23.44
N ASP C 66 -9.68 1.08 -23.19
CA ASP C 66 -9.12 0.19 -24.20
C ASP C 66 -10.21 -0.67 -24.83
N PHE C 67 -10.53 -0.42 -26.09
CA PHE C 67 -11.50 -1.24 -26.79
C PHE C 67 -11.08 -1.57 -28.23
N ILE C 68 -11.88 -2.43 -28.86
CA ILE C 68 -11.66 -2.83 -30.24
C ILE C 68 -11.98 -1.71 -31.22
N GLU C 69 -11.14 -1.58 -32.25
CA GLU C 69 -11.34 -0.59 -33.31
C GLU C 69 -12.70 -0.74 -33.99
N GLY C 70 -13.19 0.34 -34.58
CA GLY C 70 -14.42 0.29 -35.37
C GLY C 70 -15.56 1.11 -34.83
N ARG C 71 -15.40 1.67 -33.65
CA ARG C 71 -16.45 2.50 -33.05
C ARG C 71 -16.66 3.77 -33.86
N THR C 72 -17.91 4.21 -33.94
CA THR C 72 -18.27 5.39 -34.71
C THR C 72 -17.89 6.66 -33.96
N GLU C 73 -17.87 7.78 -34.68
CA GLU C 73 -17.55 9.07 -34.09
C GLU C 73 -18.57 9.45 -33.01
N GLU C 74 -19.84 9.19 -33.30
CA GLU C 74 -20.91 9.46 -32.35
C GLU C 74 -20.74 8.67 -31.06
N GLN C 75 -20.24 7.44 -31.19
CA GLN C 75 -20.01 6.58 -30.03
C GLN C 75 -18.86 7.08 -29.18
N ARG C 76 -17.78 7.50 -29.84
CA ARG C 76 -16.62 8.03 -29.14
C ARG C 76 -16.97 9.30 -28.36
N ASN C 77 -17.68 10.21 -29.01
CA ASN C 77 -18.10 11.45 -28.38
C ASN C 77 -19.07 11.20 -27.22
N ALA C 78 -19.92 10.19 -27.38
CA ALA C 78 -20.88 9.84 -26.34
C ALA C 78 -20.20 9.22 -25.13
N LEU C 79 -19.25 8.32 -25.38
CA LEU C 79 -18.53 7.63 -24.32
C LEU C 79 -17.69 8.61 -23.50
N ILE C 80 -17.06 9.55 -24.18
CA ILE C 80 -16.25 10.57 -23.52
C ILE C 80 -17.12 11.45 -22.62
N ALA C 81 -18.28 11.85 -23.13
CA ALA C 81 -19.19 12.70 -22.38
C ALA C 81 -19.78 11.97 -21.17
N ALA C 82 -20.11 10.70 -21.35
CA ALA C 82 -20.74 9.92 -20.29
C ALA C 82 -19.78 9.60 -19.15
N LEU C 83 -18.54 9.24 -19.49
CA LEU C 83 -17.55 8.92 -18.48
C LEU C 83 -17.09 10.17 -17.74
N SER C 84 -17.05 11.30 -18.45
CA SER C 84 -16.70 12.57 -17.83
C SER C 84 -17.76 12.97 -16.82
N LYS C 85 -19.02 12.88 -17.22
CA LYS C 85 -20.16 13.24 -16.39
C LYS C 85 -20.28 12.30 -15.19
N THR C 86 -20.14 11.00 -15.45
CA THR C 86 -20.18 9.99 -14.39
C THR C 86 -19.14 10.29 -13.32
N GLY C 87 -17.92 10.63 -13.76
CA GLY C 87 -16.84 10.97 -12.84
C GLY C 87 -17.19 12.13 -11.93
N THR C 88 -17.74 13.19 -12.50
CA THR C 88 -18.10 14.38 -11.74
C THR C 88 -19.22 14.11 -10.75
N GLU C 89 -20.26 13.42 -11.22
CA GLU C 89 -21.43 13.14 -10.39
C GLU C 89 -21.09 12.21 -9.23
N THR C 90 -20.07 11.37 -9.42
CA THR C 90 -19.68 10.42 -8.40
C THR C 90 -18.67 10.99 -7.42
N THR C 91 -17.63 11.63 -7.96
CA THR C 91 -16.50 12.06 -7.13
C THR C 91 -16.59 13.53 -6.69
N GLY C 92 -17.29 14.35 -7.47
CA GLY C 92 -17.40 15.75 -7.17
C GLY C 92 -16.37 16.59 -7.91
N ILE C 93 -15.42 15.93 -8.56
CA ILE C 93 -14.41 16.62 -9.36
C ILE C 93 -15.05 17.08 -10.67
N PRO C 94 -14.98 18.39 -10.95
CA PRO C 94 -15.65 18.98 -12.11
C PRO C 94 -15.10 18.45 -13.43
N GLU C 95 -15.89 18.55 -14.50
CA GLU C 95 -15.48 18.08 -15.81
C GLU C 95 -14.35 18.93 -16.37
N SER C 96 -14.11 20.08 -15.74
CA SER C 96 -12.97 20.93 -16.07
C SER C 96 -11.66 20.16 -15.87
N GLU C 97 -11.64 19.29 -14.86
CA GLU C 97 -10.43 18.56 -14.50
C GLU C 97 -10.50 17.09 -14.92
N VAL C 98 -11.71 16.56 -15.05
CA VAL C 98 -11.91 15.17 -15.45
C VAL C 98 -11.49 14.95 -16.90
N ARG C 99 -10.73 13.89 -17.16
CA ARG C 99 -10.27 13.58 -18.51
C ARG C 99 -10.65 12.15 -18.92
N VAL C 100 -10.89 11.95 -20.21
CA VAL C 100 -11.23 10.63 -20.74
C VAL C 100 -10.45 10.34 -22.03
N ARG C 101 -9.63 9.29 -22.04
CA ARG C 101 -8.89 8.91 -23.24
C ARG C 101 -9.44 7.64 -23.88
N LEU C 102 -9.36 7.57 -25.21
CA LEU C 102 -9.79 6.38 -25.94
C LEU C 102 -8.64 5.81 -26.77
N LEU C 103 -8.46 4.50 -26.71
CA LEU C 103 -7.41 3.83 -27.45
C LEU C 103 -7.98 2.70 -28.31
N ASP C 104 -7.64 2.72 -29.60
CA ASP C 104 -8.14 1.71 -30.54
C ASP C 104 -7.20 0.51 -30.61
N PHE C 105 -7.78 -0.68 -30.70
CA PHE C 105 -7.01 -1.91 -30.88
C PHE C 105 -7.46 -2.66 -32.13
N PRO C 106 -6.51 -2.99 -33.01
CA PRO C 106 -6.83 -3.89 -34.12
C PRO C 106 -7.35 -5.21 -33.60
N LYS C 107 -8.34 -5.80 -34.26
CA LYS C 107 -8.97 -7.03 -33.78
C LYS C 107 -7.97 -8.17 -33.64
N ALA C 108 -6.88 -8.10 -34.40
CA ALA C 108 -5.81 -9.09 -34.32
C ALA C 108 -5.05 -8.98 -33.01
N ASN C 109 -5.08 -7.79 -32.41
CA ASN C 109 -4.30 -7.51 -31.22
C ASN C 109 -5.12 -7.64 -29.92
N MET C 110 -6.44 -7.70 -30.05
CA MET C 110 -7.30 -7.80 -28.89
C MET C 110 -7.63 -9.25 -28.56
N GLY C 111 -6.96 -9.79 -27.55
CA GLY C 111 -7.21 -11.15 -27.11
C GLY C 111 -8.51 -11.28 -26.37
N MET C 112 -9.25 -12.35 -26.65
CA MET C 112 -10.53 -12.59 -26.01
C MET C 112 -10.43 -13.80 -25.08
N ALA C 113 -11.58 -14.40 -24.78
CA ALA C 113 -11.61 -15.61 -23.97
C ALA C 113 -11.00 -16.78 -24.74
N GLY C 114 -10.27 -17.64 -24.04
CA GLY C 114 -9.69 -18.83 -24.65
C GLY C 114 -8.34 -18.57 -25.29
N GLY C 115 -7.75 -17.42 -25.01
CA GLY C 115 -6.44 -17.08 -25.54
C GLY C 115 -6.38 -16.96 -27.04
N ILE C 116 -7.46 -16.46 -27.63
CA ILE C 116 -7.50 -16.19 -29.07
C ILE C 116 -8.01 -14.79 -29.34
N SER C 117 -7.58 -14.20 -30.44
CA SER C 117 -7.90 -12.81 -30.76
C SER C 117 -9.33 -12.65 -31.25
N ALA C 118 -9.80 -11.41 -31.30
CA ALA C 118 -11.12 -11.10 -31.82
C ALA C 118 -11.17 -11.37 -33.32
N LYS C 119 -10.07 -11.06 -33.99
CA LYS C 119 -9.93 -11.31 -35.42
C LYS C 119 -10.11 -12.80 -35.74
N ALA C 120 -9.43 -13.65 -34.99
CA ALA C 120 -9.44 -15.09 -35.25
C ALA C 120 -10.76 -15.73 -34.83
N MET C 121 -11.50 -15.05 -33.97
CA MET C 121 -12.75 -15.61 -33.43
C MET C 121 -13.88 -15.60 -34.45
N GLY C 122 -14.30 -14.41 -34.87
CA GLY C 122 -15.40 -14.28 -35.81
C GLY C 122 -15.12 -13.32 -36.94
N PRO D 1 -0.90 16.77 -22.38
CA PRO D 1 0.27 15.93 -22.05
C PRO D 1 0.11 15.07 -20.81
N TYR D 2 0.16 13.75 -21.01
CA TYR D 2 0.12 12.79 -19.91
C TYR D 2 1.44 12.03 -19.84
N VAL D 3 2.15 12.20 -18.73
CA VAL D 3 3.40 11.48 -18.48
C VAL D 3 3.24 10.50 -17.34
N THR D 4 3.17 9.21 -17.67
CA THR D 4 2.99 8.17 -16.67
C THR D 4 4.32 7.48 -16.37
N ILE D 5 4.79 7.63 -15.14
CA ILE D 5 6.10 7.12 -14.75
C ILE D 5 6.01 5.85 -13.90
N SER D 6 6.65 4.78 -14.37
CA SER D 6 6.76 3.56 -13.60
C SER D 6 8.16 3.43 -13.03
N ALA D 7 8.27 3.55 -11.71
CA ALA D 7 9.56 3.49 -11.04
C ALA D 7 9.55 2.46 -9.93
N THR D 8 10.67 1.76 -9.77
CA THR D 8 10.84 0.82 -8.67
C THR D 8 10.90 1.58 -7.35
N GLU D 9 10.33 0.99 -6.31
CA GLU D 9 10.28 1.64 -5.00
C GLU D 9 11.66 1.86 -4.42
N GLY D 10 11.81 2.90 -3.61
CA GLY D 10 13.07 3.17 -2.93
C GLY D 10 13.47 4.63 -2.90
N LEU D 11 12.87 5.44 -3.77
CA LEU D 11 13.20 6.85 -3.83
C LEU D 11 12.66 7.61 -2.62
N SER D 12 13.42 8.60 -2.17
CA SER D 12 12.97 9.46 -1.08
C SER D 12 11.87 10.39 -1.60
N ALA D 13 11.17 11.05 -0.68
CA ALA D 13 10.09 11.95 -1.06
C ALA D 13 10.59 13.11 -1.90
N GLU D 14 11.77 13.62 -1.57
CA GLU D 14 12.34 14.78 -2.26
C GLU D 14 12.68 14.45 -3.72
N LYS D 15 13.27 13.28 -3.94
CA LYS D 15 13.67 12.90 -5.29
C LYS D 15 12.46 12.52 -6.14
N LYS D 16 11.40 12.01 -5.49
CA LYS D 16 10.14 11.79 -6.19
C LYS D 16 9.60 13.13 -6.67
N LYS D 17 9.70 14.13 -5.80
CA LYS D 17 9.24 15.47 -6.11
C LYS D 17 10.00 16.07 -7.28
N GLN D 18 11.33 15.93 -7.25
CA GLN D 18 12.16 16.43 -8.34
C GLN D 18 11.89 15.68 -9.64
N LEU D 19 11.63 14.38 -9.53
CA LEU D 19 11.36 13.56 -10.69
C LEU D 19 10.14 14.05 -11.47
N LEU D 20 9.06 14.32 -10.73
CA LEU D 20 7.82 14.77 -11.35
C LEU D 20 7.94 16.21 -11.87
N GLU D 21 8.48 17.08 -11.04
CA GLU D 21 8.65 18.50 -11.40
C GLU D 21 9.50 18.65 -12.66
N ARG D 22 10.66 18.01 -12.67
CA ARG D 22 11.58 18.14 -13.79
C ARG D 22 11.04 17.45 -15.04
N SER D 23 10.21 16.42 -14.85
CA SER D 23 9.60 15.73 -15.98
C SER D 23 8.62 16.65 -16.71
N SER D 24 7.88 17.44 -15.94
CA SER D 24 7.00 18.45 -16.50
C SER D 24 7.82 19.51 -17.21
N ASP D 25 8.91 19.94 -16.57
CA ASP D 25 9.85 20.89 -17.16
C ASP D 25 10.40 20.35 -18.46
N ALA D 26 10.76 19.06 -18.45
CA ALA D 26 11.28 18.40 -19.63
C ALA D 26 10.29 18.48 -20.79
N VAL D 27 9.04 18.13 -20.53
CA VAL D 27 7.98 18.18 -21.54
C VAL D 27 7.80 19.59 -22.10
N VAL D 28 7.63 20.56 -21.20
CA VAL D 28 7.45 21.95 -21.60
C VAL D 28 8.61 22.45 -22.45
N GLN D 29 9.83 22.12 -22.04
CA GLN D 29 11.03 22.57 -22.73
C GLN D 29 11.48 21.60 -23.83
N SER D 30 10.55 20.85 -24.39
CA SER D 30 10.89 19.88 -25.42
C SER D 30 9.94 19.94 -26.61
N ILE D 31 8.66 20.13 -26.33
CA ILE D 31 7.63 20.11 -27.36
C ILE D 31 6.81 21.39 -27.36
N GLY D 32 7.18 22.32 -26.49
CA GLY D 32 6.50 23.60 -26.40
C GLY D 32 5.09 23.48 -25.83
N ALA D 33 4.85 22.44 -25.05
CA ALA D 33 3.55 22.26 -24.41
C ALA D 33 3.41 23.23 -23.24
N PRO D 34 2.29 23.97 -23.20
CA PRO D 34 2.01 24.89 -22.09
C PRO D 34 1.90 24.14 -20.78
N LEU D 35 2.31 24.78 -19.68
CA LEU D 35 2.30 24.14 -18.36
C LEU D 35 0.91 23.69 -17.95
N ALA D 36 -0.10 24.42 -18.40
CA ALA D 36 -1.49 24.15 -18.00
C ALA D 36 -2.00 22.80 -18.51
N SER D 37 -1.35 22.25 -19.53
CA SER D 37 -1.80 21.00 -20.13
C SER D 37 -0.97 19.80 -19.69
N VAL D 38 0.15 20.06 -19.02
CA VAL D 38 1.08 19.01 -18.64
C VAL D 38 0.66 18.30 -17.34
N ARG D 39 0.52 16.98 -17.40
CA ARG D 39 0.21 16.17 -16.23
C ARG D 39 1.21 15.02 -16.07
N VAL D 40 1.65 14.80 -14.83
CA VAL D 40 2.59 13.72 -14.55
C VAL D 40 2.07 12.81 -13.45
N MET D 41 1.98 11.51 -13.75
CA MET D 41 1.52 10.52 -12.78
C MET D 41 2.63 9.52 -12.47
N LEU D 42 2.71 9.09 -11.21
CA LEU D 42 3.76 8.17 -10.79
C LEU D 42 3.21 6.91 -10.14
N HIS D 43 3.58 5.76 -10.69
CA HIS D 43 3.24 4.47 -10.10
C HIS D 43 4.50 3.76 -9.65
N GLU D 44 4.52 3.32 -8.39
CA GLU D 44 5.70 2.69 -7.83
C GLU D 44 5.59 1.16 -7.84
N LEU D 45 6.62 0.52 -8.39
CA LEU D 45 6.66 -0.95 -8.45
C LEU D 45 7.34 -1.51 -7.21
N PRO D 46 6.61 -2.30 -6.41
CA PRO D 46 7.15 -2.94 -5.22
C PRO D 46 8.24 -3.95 -5.56
N GLY D 47 8.96 -4.43 -4.56
CA GLY D 47 9.98 -5.43 -4.77
C GLY D 47 9.39 -6.72 -5.32
N GLY D 48 9.99 -7.22 -6.38
CA GLY D 48 9.54 -8.46 -6.99
C GLY D 48 8.47 -8.27 -8.06
N HIS D 49 8.07 -7.03 -8.29
CA HIS D 49 7.03 -6.74 -9.27
C HIS D 49 7.62 -6.25 -10.60
N TYR D 50 8.95 -6.22 -10.68
CA TYR D 50 9.62 -5.80 -11.91
C TYR D 50 10.68 -6.81 -12.32
N LEU D 51 10.44 -7.49 -13.44
CA LEU D 51 11.42 -8.41 -13.99
C LEU D 51 12.15 -7.74 -15.15
N ASN D 52 13.46 -7.58 -14.99
CA ASN D 52 14.29 -6.89 -15.97
C ASN D 52 15.29 -7.83 -16.62
N ALA D 53 14.94 -8.33 -17.79
CA ALA D 53 15.78 -9.26 -18.55
C ALA D 53 16.16 -10.47 -17.71
N GLY D 54 15.17 -11.06 -17.04
CA GLY D 54 15.39 -12.26 -16.25
C GLY D 54 15.88 -12.00 -14.84
N GLN D 55 16.03 -10.73 -14.48
CA GLN D 55 16.53 -10.37 -13.16
C GLN D 55 15.51 -9.59 -12.34
N PHE D 56 15.31 -10.02 -11.09
CA PHE D 56 14.42 -9.32 -10.17
C PHE D 56 15.19 -8.28 -9.36
N ASN D 57 14.44 -7.44 -8.64
CA ASN D 57 14.99 -6.48 -7.70
C ASN D 57 16.05 -5.54 -8.28
N THR D 58 15.90 -5.20 -9.56
CA THR D 58 16.79 -4.22 -10.18
C THR D 58 16.08 -2.87 -10.26
N PRO D 59 16.84 -1.77 -10.21
CA PRO D 59 16.26 -0.43 -10.37
C PRO D 59 15.55 -0.27 -11.71
N GLY D 60 14.41 0.41 -11.72
CA GLY D 60 13.66 0.60 -12.94
C GLY D 60 13.04 1.98 -13.04
N LEU D 61 13.03 2.52 -14.26
CA LEU D 61 12.45 3.83 -14.51
C LEU D 61 11.99 3.94 -15.95
N MET D 62 10.68 3.86 -16.15
CA MET D 62 10.11 3.84 -17.50
C MET D 62 9.09 4.96 -17.68
N PHE D 63 9.31 5.79 -18.70
CA PHE D 63 8.40 6.87 -19.02
C PHE D 63 7.42 6.46 -20.12
N VAL D 64 6.14 6.70 -19.88
CA VAL D 64 5.12 6.50 -20.92
C VAL D 64 4.36 7.81 -21.13
N VAL D 65 4.25 8.20 -22.38
CA VAL D 65 3.74 9.53 -22.72
C VAL D 65 2.53 9.45 -23.67
N ASP D 66 1.33 9.60 -23.10
CA ASP D 66 0.08 9.52 -23.87
C ASP D 66 -0.31 10.86 -24.48
N PHE D 67 -0.34 10.92 -25.82
CA PHE D 67 -0.33 12.21 -26.51
C PHE D 67 -1.25 12.36 -27.72
N ILE D 68 -1.56 13.61 -28.03
CA ILE D 68 -2.30 13.97 -29.24
C ILE D 68 -1.42 13.76 -30.48
N GLU D 69 -1.98 13.12 -31.50
CA GLU D 69 -1.30 12.88 -32.76
C GLU D 69 -0.78 14.16 -33.41
N GLY D 70 0.21 14.02 -34.28
CA GLY D 70 0.60 15.10 -35.17
C GLY D 70 1.83 15.91 -34.79
N ARG D 71 2.77 15.30 -34.08
CA ARG D 71 4.00 16.00 -33.74
C ARG D 71 5.19 15.45 -34.53
N THR D 72 6.12 16.35 -34.85
CA THR D 72 7.26 16.01 -35.71
C THR D 72 8.21 15.01 -35.05
N GLU D 73 9.00 14.33 -35.86
CA GLU D 73 9.99 13.39 -35.36
C GLU D 73 11.04 14.08 -34.50
N GLU D 74 11.35 15.33 -34.87
CA GLU D 74 12.32 16.12 -34.10
C GLU D 74 11.82 16.34 -32.67
N GLN D 75 10.52 16.58 -32.54
CA GLN D 75 9.91 16.75 -31.23
C GLN D 75 9.90 15.43 -30.45
N ARG D 76 9.59 14.35 -31.15
CA ARG D 76 9.54 13.03 -30.53
C ARG D 76 10.92 12.61 -30.02
N ASN D 77 11.94 12.87 -30.83
CA ASN D 77 13.31 12.54 -30.46
C ASN D 77 13.81 13.42 -29.32
N ALA D 78 13.41 14.70 -29.34
CA ALA D 78 13.80 15.63 -28.30
C ALA D 78 13.14 15.28 -26.97
N LEU D 79 11.89 14.81 -27.04
CA LEU D 79 11.15 14.43 -25.84
C LEU D 79 11.72 13.17 -25.20
N ILE D 80 12.02 12.18 -26.03
CA ILE D 80 12.59 10.92 -25.55
C ILE D 80 13.94 11.18 -24.87
N ALA D 81 14.74 12.05 -25.48
CA ALA D 81 16.06 12.37 -24.93
C ALA D 81 15.96 13.15 -23.62
N ALA D 82 15.04 14.11 -23.57
CA ALA D 82 14.89 14.98 -22.41
C ALA D 82 14.44 14.23 -21.17
N LEU D 83 13.42 13.37 -21.32
CA LEU D 83 12.90 12.60 -20.21
C LEU D 83 13.89 11.54 -19.76
N SER D 84 14.68 11.03 -20.69
CA SER D 84 15.72 10.06 -20.36
C SER D 84 16.79 10.71 -19.50
N LYS D 85 17.25 11.88 -19.93
CA LYS D 85 18.28 12.63 -19.20
C LYS D 85 17.75 13.10 -17.85
N THR D 86 16.47 13.48 -17.82
CA THR D 86 15.84 13.94 -16.59
C THR D 86 15.79 12.84 -15.54
N GLY D 87 15.39 11.64 -15.97
CA GLY D 87 15.26 10.51 -15.08
C GLY D 87 16.57 10.10 -14.44
N THR D 88 17.65 10.21 -15.21
CA THR D 88 18.97 9.85 -14.73
C THR D 88 19.52 10.88 -13.75
N GLU D 89 19.37 12.16 -14.09
CA GLU D 89 19.87 13.24 -13.24
C GLU D 89 19.12 13.30 -11.90
N THR D 90 17.93 12.72 -11.86
CA THR D 90 17.10 12.78 -10.67
C THR D 90 17.21 11.53 -9.80
N THR D 91 17.14 10.36 -10.44
CA THR D 91 17.10 9.10 -9.71
C THR D 91 18.46 8.41 -9.63
N GLY D 92 19.39 8.81 -10.49
CA GLY D 92 20.70 8.19 -10.52
C GLY D 92 20.74 6.95 -11.38
N ILE D 93 19.58 6.54 -11.89
CA ILE D 93 19.50 5.40 -12.79
C ILE D 93 20.02 5.79 -14.17
N PRO D 94 21.06 5.08 -14.65
CA PRO D 94 21.70 5.42 -15.93
C PRO D 94 20.73 5.36 -17.10
N GLU D 95 20.96 6.19 -18.11
CA GLU D 95 20.10 6.25 -19.29
C GLU D 95 20.06 4.91 -20.05
N SER D 96 21.05 4.06 -19.78
CA SER D 96 21.10 2.73 -20.38
C SER D 96 19.94 1.88 -19.89
N GLU D 97 19.42 2.20 -18.70
CA GLU D 97 18.29 1.49 -18.13
C GLU D 97 16.98 2.25 -18.32
N VAL D 98 17.07 3.58 -18.30
CA VAL D 98 15.89 4.45 -18.45
C VAL D 98 15.23 4.23 -19.81
N ARG D 99 13.89 4.20 -19.82
CA ARG D 99 13.13 4.02 -21.04
C ARG D 99 12.01 5.05 -21.19
N VAL D 100 11.71 5.42 -22.43
CA VAL D 100 10.65 6.40 -22.73
C VAL D 100 9.81 5.94 -23.93
N ARG D 101 8.50 5.80 -23.73
CA ARG D 101 7.60 5.43 -24.83
C ARG D 101 6.68 6.58 -25.21
N LEU D 102 6.29 6.63 -26.48
CA LEU D 102 5.34 7.64 -26.95
C LEU D 102 4.09 7.00 -27.55
N LEU D 103 2.92 7.40 -27.05
CA LEU D 103 1.65 6.84 -27.51
C LEU D 103 0.74 7.94 -28.07
N ASP D 104 0.52 7.90 -29.38
CA ASP D 104 -0.29 8.91 -30.05
C ASP D 104 -1.78 8.65 -29.92
N PHE D 105 -2.55 9.73 -29.90
CA PHE D 105 -4.00 9.64 -29.87
C PHE D 105 -4.60 10.49 -30.99
N PRO D 106 -5.52 9.90 -31.77
CA PRO D 106 -6.35 10.67 -32.70
C PRO D 106 -7.09 11.77 -31.96
N LYS D 107 -7.27 12.92 -32.60
CA LYS D 107 -7.94 14.04 -31.95
C LYS D 107 -9.37 13.68 -31.55
N ALA D 108 -9.96 12.72 -32.27
CA ALA D 108 -11.29 12.22 -31.93
C ALA D 108 -11.27 11.39 -30.66
N ASN D 109 -10.09 10.88 -30.30
CA ASN D 109 -9.98 9.97 -29.17
C ASN D 109 -9.52 10.63 -27.88
N MET D 110 -8.93 11.81 -27.99
CA MET D 110 -8.41 12.51 -26.83
C MET D 110 -9.46 13.43 -26.20
N GLY D 111 -10.00 13.00 -25.07
CA GLY D 111 -10.97 13.81 -24.34
C GLY D 111 -10.29 14.98 -23.67
N MET D 112 -10.99 16.11 -23.64
CA MET D 112 -10.45 17.34 -23.06
C MET D 112 -11.34 17.84 -21.95
N ALA D 113 -11.04 19.03 -21.44
CA ALA D 113 -11.85 19.67 -20.40
C ALA D 113 -13.27 19.88 -20.90
N GLY D 114 -14.24 19.60 -20.04
CA GLY D 114 -15.64 19.78 -20.40
C GLY D 114 -16.28 18.52 -20.96
N GLY D 115 -15.46 17.48 -21.14
CA GLY D 115 -15.96 16.20 -21.61
C GLY D 115 -16.18 16.12 -23.12
N ILE D 116 -15.35 16.83 -23.87
CA ILE D 116 -15.39 16.72 -25.33
C ILE D 116 -13.99 16.49 -25.89
N SER D 117 -13.92 15.92 -27.09
CA SER D 117 -12.65 15.54 -27.69
C SER D 117 -11.90 16.76 -28.22
N ALA D 118 -10.60 16.56 -28.48
CA ALA D 118 -9.77 17.61 -29.05
C ALA D 118 -10.23 17.99 -30.45
N LYS D 119 -10.79 17.02 -31.17
CA LYS D 119 -11.33 17.26 -32.49
C LYS D 119 -12.55 18.15 -32.43
N ALA D 120 -13.39 17.94 -31.41
CA ALA D 120 -14.60 18.73 -31.24
C ALA D 120 -14.27 20.17 -30.85
N MET D 121 -13.03 20.39 -30.42
CA MET D 121 -12.58 21.74 -30.05
C MET D 121 -11.93 22.46 -31.23
N GLY D 122 -11.83 21.77 -32.35
CA GLY D 122 -11.26 22.35 -33.55
C GLY D 122 -9.76 22.49 -33.50
N ARG D 123 -9.10 21.59 -32.77
CA ARG D 123 -7.65 21.60 -32.66
C ARG D 123 -7.01 20.66 -33.67
N PRO E 1 14.05 -9.09 22.53
CA PRO E 1 13.70 -7.66 22.45
C PRO E 1 13.11 -7.27 21.10
N TYR E 2 11.96 -6.60 21.12
CA TYR E 2 11.30 -6.16 19.90
C TYR E 2 11.34 -4.65 19.77
N VAL E 3 11.88 -4.16 18.66
CA VAL E 3 11.89 -2.73 18.40
C VAL E 3 10.95 -2.40 17.25
N THR E 4 9.81 -1.81 17.58
CA THR E 4 8.82 -1.44 16.58
C THR E 4 8.87 0.06 16.32
N ILE E 5 9.18 0.43 15.08
CA ILE E 5 9.41 1.83 14.74
C ILE E 5 8.29 2.40 13.87
N SER E 6 7.75 3.53 14.30
CA SER E 6 6.75 4.26 13.54
C SER E 6 7.36 5.52 12.94
N ALA E 7 7.41 5.56 11.62
CA ALA E 7 8.00 6.71 10.92
C ALA E 7 7.06 7.23 9.84
N THR E 8 7.01 8.55 9.70
CA THR E 8 6.28 9.16 8.61
C THR E 8 6.99 8.84 7.30
N GLU E 9 6.23 8.70 6.22
CA GLU E 9 6.80 8.29 4.94
C GLU E 9 7.66 9.38 4.32
N GLY E 10 8.61 8.98 3.50
CA GLY E 10 9.48 9.92 2.83
C GLY E 10 10.94 9.52 2.85
N LEU E 11 11.27 8.53 3.68
CA LEU E 11 12.64 8.04 3.75
C LEU E 11 12.97 7.20 2.52
N SER E 12 14.22 7.28 2.06
CA SER E 12 14.66 6.45 0.96
C SER E 12 14.88 5.03 1.45
N ALA E 13 15.10 4.09 0.54
CA ALA E 13 15.35 2.71 0.91
C ALA E 13 16.65 2.60 1.68
N GLU E 14 17.63 3.41 1.30
CA GLU E 14 18.92 3.43 1.96
C GLU E 14 18.79 3.84 3.43
N LYS E 15 17.96 4.84 3.68
CA LYS E 15 17.78 5.37 5.03
C LYS E 15 17.05 4.37 5.92
N LYS E 16 16.09 3.64 5.35
CA LYS E 16 15.37 2.60 6.08
C LYS E 16 16.31 1.52 6.58
N LYS E 17 17.13 0.99 5.67
CA LYS E 17 18.10 -0.04 6.00
C LYS E 17 19.02 0.42 7.12
N GLN E 18 19.52 1.64 6.98
CA GLN E 18 20.44 2.21 7.97
C GLN E 18 19.76 2.41 9.32
N LEU E 19 18.50 2.84 9.28
CA LEU E 19 17.72 3.06 10.50
C LEU E 19 17.55 1.77 11.30
N LEU E 20 17.15 0.70 10.60
CA LEU E 20 16.89 -0.58 11.25
C LEU E 20 18.18 -1.24 11.72
N GLU E 21 19.22 -1.15 10.90
CA GLU E 21 20.51 -1.75 11.22
C GLU E 21 21.13 -1.12 12.46
N ARG E 22 21.13 0.21 12.51
CA ARG E 22 21.75 0.93 13.61
C ARG E 22 20.87 0.90 14.87
N SER E 23 19.57 0.68 14.68
CA SER E 23 18.67 0.51 15.81
C SER E 23 18.96 -0.81 16.50
N SER E 24 19.19 -1.85 15.69
CA SER E 24 19.58 -3.16 16.21
C SER E 24 20.89 -3.06 16.96
N ASP E 25 21.86 -2.35 16.36
CA ASP E 25 23.14 -2.11 16.97
C ASP E 25 22.99 -1.38 18.30
N ALA E 26 22.04 -0.46 18.35
CA ALA E 26 21.78 0.34 19.55
C ALA E 26 21.31 -0.53 20.70
N VAL E 27 20.46 -1.52 20.39
CA VAL E 27 19.95 -2.43 21.41
C VAL E 27 21.07 -3.31 21.96
N VAL E 28 21.91 -3.82 21.08
CA VAL E 28 23.02 -4.68 21.47
C VAL E 28 24.01 -3.95 22.38
N GLN E 29 24.32 -2.70 22.04
CA GLN E 29 25.30 -1.93 22.81
C GLN E 29 24.71 -1.39 24.11
N SER E 30 23.40 -1.20 24.15
CA SER E 30 22.75 -0.60 25.31
C SER E 30 22.56 -1.59 26.45
N ILE E 31 21.83 -2.67 26.19
CA ILE E 31 21.47 -3.61 27.24
C ILE E 31 22.14 -4.97 27.08
N GLY E 32 23.13 -5.04 26.19
CA GLY E 32 23.91 -6.25 26.00
C GLY E 32 23.12 -7.44 25.50
N ALA E 33 22.06 -7.17 24.75
CA ALA E 33 21.25 -8.24 24.18
C ALA E 33 21.96 -8.88 22.99
N PRO E 34 21.98 -10.22 22.94
CA PRO E 34 22.56 -10.95 21.81
C PRO E 34 21.85 -10.62 20.51
N LEU E 35 22.61 -10.50 19.43
CA LEU E 35 22.04 -10.14 18.13
C LEU E 35 20.97 -11.12 17.68
N ALA E 36 21.15 -12.39 18.03
CA ALA E 36 20.22 -13.45 17.61
C ALA E 36 18.81 -13.26 18.18
N SER E 37 18.69 -12.41 19.19
CA SER E 37 17.40 -12.20 19.85
C SER E 37 16.79 -10.84 19.52
N VAL E 38 17.51 -10.04 18.74
CA VAL E 38 17.06 -8.68 18.43
C VAL E 38 16.28 -8.61 17.13
N ARG E 39 15.07 -8.07 17.20
CA ARG E 39 14.22 -7.89 16.03
C ARG E 39 13.76 -6.44 15.89
N VAL E 40 13.81 -5.91 14.67
CA VAL E 40 13.34 -4.56 14.40
C VAL E 40 12.26 -4.58 13.33
N MET E 41 11.16 -3.89 13.59
CA MET E 41 10.06 -3.80 12.63
C MET E 41 9.72 -2.35 12.33
N LEU E 42 9.49 -2.04 11.06
CA LEU E 42 9.23 -0.67 10.64
C LEU E 42 7.80 -0.49 10.12
N HIS E 43 7.07 0.41 10.77
CA HIS E 43 5.74 0.79 10.31
C HIS E 43 5.77 2.21 9.77
N GLU E 44 5.29 2.39 8.54
CA GLU E 44 5.35 3.68 7.88
C GLU E 44 4.01 4.39 7.91
N LEU E 45 4.02 5.64 8.37
CA LEU E 45 2.79 6.44 8.44
C LEU E 45 2.65 7.32 7.21
N PRO E 46 1.63 7.06 6.38
CA PRO E 46 1.34 7.84 5.18
C PRO E 46 0.95 9.28 5.50
N GLY E 47 0.82 10.10 4.45
CA GLY E 47 0.45 11.50 4.63
C GLY E 47 -0.92 11.67 5.27
N GLY E 48 -0.99 12.53 6.28
CA GLY E 48 -2.23 12.81 6.96
C GLY E 48 -2.59 11.77 8.01
N HIS E 49 -1.68 10.84 8.26
CA HIS E 49 -1.93 9.78 9.24
C HIS E 49 -1.17 10.02 10.55
N TYR E 50 -0.62 11.22 10.70
CA TYR E 50 0.12 11.57 11.91
C TYR E 50 -0.16 13.00 12.32
N LEU E 51 -0.89 13.16 13.42
CA LEU E 51 -1.20 14.47 13.97
C LEU E 51 -0.27 14.78 15.13
N ASN E 52 0.56 15.80 14.95
CA ASN E 52 1.55 16.19 15.95
C ASN E 52 1.27 17.57 16.51
N ALA E 53 0.77 17.61 17.75
CA ALA E 53 0.45 18.86 18.44
C ALA E 53 -0.50 19.74 17.63
N GLY E 54 -1.46 19.12 16.96
CA GLY E 54 -2.45 19.83 16.19
C GLY E 54 -2.00 20.13 14.77
N GLN E 55 -0.81 19.67 14.41
CA GLN E 55 -0.26 19.91 13.08
C GLN E 55 -0.15 18.62 12.27
N PHE E 56 -0.58 18.67 11.01
CA PHE E 56 -0.39 17.55 10.10
C PHE E 56 0.92 17.70 9.31
N ASN E 57 1.26 16.66 8.55
CA ASN E 57 2.38 16.71 7.60
C ASN E 57 3.73 17.05 8.23
N THR E 58 3.92 16.72 9.50
CA THR E 58 5.20 16.95 10.16
C THR E 58 6.01 15.65 10.21
N PRO E 59 7.35 15.76 10.17
CA PRO E 59 8.21 14.58 10.31
C PRO E 59 8.00 13.87 11.63
N GLY E 60 7.96 12.55 11.61
CA GLY E 60 7.74 11.76 12.82
C GLY E 60 8.61 10.52 12.89
N LEU E 61 9.04 10.19 14.09
CA LEU E 61 9.84 8.98 14.32
C LEU E 61 9.73 8.55 15.77
N MET E 62 9.02 7.44 16.01
CA MET E 62 8.77 6.98 17.36
C MET E 62 9.21 5.52 17.56
N PHE E 63 9.95 5.27 18.63
CA PHE E 63 10.43 3.93 18.94
C PHE E 63 9.63 3.29 20.08
N VAL E 64 9.22 2.05 19.90
CA VAL E 64 8.62 1.27 20.97
C VAL E 64 9.35 -0.05 21.15
N VAL E 65 9.87 -0.28 22.35
CA VAL E 65 10.61 -1.51 22.62
C VAL E 65 9.85 -2.45 23.55
N ASP E 66 9.49 -3.62 23.02
CA ASP E 66 8.87 -4.67 23.83
C ASP E 66 9.92 -5.63 24.31
N PHE E 67 10.08 -5.73 25.63
CA PHE E 67 11.13 -6.57 26.20
C PHE E 67 10.74 -7.18 27.54
N ILE E 68 11.47 -8.22 27.93
CA ILE E 68 11.26 -8.89 29.22
C ILE E 68 11.64 -7.97 30.38
N GLU E 69 10.73 -7.83 31.34
CA GLU E 69 10.97 -6.98 32.50
C GLU E 69 12.23 -7.40 33.26
N GLY E 70 12.82 -6.47 33.99
CA GLY E 70 13.97 -6.78 34.82
C GLY E 70 15.20 -5.93 34.55
N ARG E 71 15.18 -5.15 33.47
CA ARG E 71 16.31 -4.28 33.13
C ARG E 71 16.49 -3.19 34.19
N THR E 72 17.74 -2.85 34.46
CA THR E 72 18.05 -1.81 35.44
C THR E 72 17.79 -0.43 34.87
N GLU E 73 17.71 0.57 35.74
CA GLU E 73 17.47 1.95 35.32
C GLU E 73 18.55 2.45 34.37
N GLU E 74 19.80 2.08 34.64
CA GLU E 74 20.92 2.49 33.81
C GLU E 74 20.79 1.92 32.41
N GLN E 75 20.30 0.69 32.32
CA GLN E 75 20.10 0.04 31.04
C GLN E 75 18.97 0.70 30.24
N ARG E 76 17.92 1.10 30.95
CA ARG E 76 16.78 1.76 30.31
C ARG E 76 17.16 3.12 29.75
N ASN E 77 17.84 3.91 30.57
CA ASN E 77 18.28 5.24 30.15
C ASN E 77 19.26 5.17 28.98
N ALA E 78 20.10 4.14 28.98
CA ALA E 78 21.06 3.93 27.89
C ALA E 78 20.34 3.52 26.61
N LEU E 79 19.28 2.74 26.76
CA LEU E 79 18.51 2.27 25.62
C LEU E 79 17.72 3.41 24.97
N ILE E 80 17.06 4.21 25.81
CA ILE E 80 16.30 5.36 25.35
C ILE E 80 17.20 6.36 24.64
N ALA E 81 18.38 6.57 25.20
CA ALA E 81 19.34 7.54 24.66
C ALA E 81 19.94 7.08 23.33
N ALA E 82 20.29 5.80 23.26
CA ALA E 82 20.93 5.24 22.07
C ALA E 82 20.00 5.24 20.86
N LEU E 83 18.77 4.78 21.07
CA LEU E 83 17.78 4.73 20.00
C LEU E 83 17.42 6.13 19.52
N SER E 84 17.33 7.06 20.47
CA SER E 84 17.00 8.44 20.14
C SER E 84 18.10 9.08 19.29
N LYS E 85 19.34 8.82 19.66
CA LYS E 85 20.49 9.36 18.94
C LYS E 85 20.63 8.69 17.58
N THR E 86 20.36 7.39 17.53
CA THR E 86 20.38 6.65 16.28
C THR E 86 19.37 7.20 15.29
N GLY E 87 18.15 7.44 15.77
CA GLY E 87 17.08 7.94 14.93
C GLY E 87 17.40 9.28 14.30
N THR E 88 18.02 10.17 15.07
CA THR E 88 18.36 11.50 14.58
C THR E 88 19.53 11.46 13.62
N GLU E 89 20.57 10.72 13.97
CA GLU E 89 21.74 10.57 13.11
C GLU E 89 21.37 9.96 11.77
N THR E 90 20.36 9.10 11.78
CA THR E 90 19.90 8.46 10.57
C THR E 90 18.94 9.36 9.79
N THR E 91 17.80 9.68 10.40
CA THR E 91 16.73 10.37 9.68
C THR E 91 16.89 11.89 9.58
N GLY E 92 17.70 12.47 10.46
CA GLY E 92 17.87 13.91 10.46
C GLY E 92 16.87 14.62 11.35
N ILE E 93 15.83 13.89 11.75
CA ILE E 93 14.82 14.40 12.67
C ILE E 93 15.43 14.56 14.07
N PRO E 94 15.42 15.80 14.60
CA PRO E 94 16.02 16.12 15.90
C PRO E 94 15.43 15.32 17.06
N GLU E 95 16.21 15.13 18.12
CA GLU E 95 15.78 14.36 19.27
C GLU E 95 14.66 15.06 20.04
N SER E 96 14.46 16.34 19.77
CA SER E 96 13.36 17.08 20.36
C SER E 96 12.02 16.52 19.88
N GLU E 97 12.05 15.87 18.73
CA GLU E 97 10.85 15.28 18.14
C GLU E 97 10.84 13.76 18.27
N VAL E 98 12.02 13.14 18.16
CA VAL E 98 12.14 11.69 18.28
C VAL E 98 11.71 11.22 19.67
N ARG E 99 10.92 10.14 19.72
CA ARG E 99 10.47 9.57 20.99
C ARG E 99 10.79 8.08 21.08
N VAL E 100 11.01 7.60 22.31
CA VAL E 100 11.27 6.18 22.57
C VAL E 100 10.50 5.70 23.79
N ARG E 101 9.73 4.62 23.64
CA ARG E 101 8.97 4.05 24.76
C ARG E 101 9.43 2.64 25.09
N LEU E 102 9.41 2.30 26.37
CA LEU E 102 9.77 0.95 26.81
C LEU E 102 8.58 0.23 27.43
N LEU E 103 8.30 -0.98 26.94
CA LEU E 103 7.19 -1.77 27.44
C LEU E 103 7.70 -3.08 28.07
N ASP E 104 7.39 -3.26 29.36
CA ASP E 104 7.83 -4.42 30.12
C ASP E 104 6.92 -5.63 29.94
N PHE E 105 7.52 -6.82 29.94
CA PHE E 105 6.78 -8.07 29.87
C PHE E 105 7.26 -9.05 30.92
N PRO E 106 6.31 -9.61 31.71
CA PRO E 106 6.67 -10.72 32.60
C PRO E 106 7.13 -11.91 31.76
N LYS E 107 8.08 -12.69 32.27
CA LYS E 107 8.65 -13.79 31.50
C LYS E 107 7.61 -14.83 31.08
N ALA E 108 6.57 -14.96 31.90
CA ALA E 108 5.48 -15.88 31.61
C ALA E 108 4.66 -15.43 30.40
N ASN E 109 4.77 -14.15 30.05
CA ASN E 109 4.00 -13.57 28.96
C ASN E 109 4.78 -13.50 27.65
N MET E 110 6.09 -13.69 27.71
CA MET E 110 6.93 -13.60 26.53
C MET E 110 7.22 -14.98 25.95
N GLY E 111 6.51 -15.34 24.89
CA GLY E 111 6.73 -16.60 24.21
C GLY E 111 8.04 -16.58 23.43
N MET E 112 8.71 -17.72 23.37
CA MET E 112 10.01 -17.82 22.74
C MET E 112 10.00 -18.82 21.59
N ALA E 113 11.17 -19.13 21.06
CA ALA E 113 11.31 -20.12 20.00
C ALA E 113 10.75 -21.45 20.46
N GLY E 114 10.13 -22.19 19.53
CA GLY E 114 9.52 -23.46 19.87
C GLY E 114 8.22 -23.32 20.62
N GLY E 115 7.76 -22.07 20.77
CA GLY E 115 6.48 -21.79 21.40
C GLY E 115 6.39 -22.11 22.87
N ILE E 116 7.35 -21.61 23.65
CA ILE E 116 7.27 -21.68 25.11
C ILE E 116 7.63 -20.33 25.71
N SER E 117 7.13 -20.06 26.92
CA SER E 117 7.38 -18.78 27.57
C SER E 117 8.82 -18.68 28.06
N ALA E 118 9.28 -17.46 28.26
CA ALA E 118 10.65 -17.21 28.73
C ALA E 118 10.86 -17.77 30.13
N LYS E 119 9.78 -17.80 30.92
CA LYS E 119 9.85 -18.35 32.27
C LYS E 119 10.08 -19.86 32.22
N ALA E 120 9.42 -20.52 31.27
CA ALA E 120 9.60 -21.96 31.08
C ALA E 120 11.05 -22.28 30.74
N MET E 121 11.66 -21.41 29.93
CA MET E 121 13.08 -21.55 29.60
C MET E 121 13.97 -21.21 30.78
N GLY E 122 13.44 -20.40 31.68
CA GLY E 122 14.24 -19.85 32.77
C GLY E 122 15.26 -18.89 32.19
N ARG E 123 14.84 -18.13 31.18
CA ARG E 123 15.70 -17.18 30.50
C ARG E 123 16.22 -16.12 31.47
N PRO F 1 1.20 11.96 25.48
CA PRO F 1 0.21 10.90 25.23
C PRO F 1 0.16 10.50 23.76
N TYR F 2 0.18 9.19 23.49
CA TYR F 2 0.15 8.69 22.13
C TYR F 2 -1.17 7.96 21.87
N VAL F 3 -1.92 8.45 20.88
CA VAL F 3 -3.15 7.78 20.48
C VAL F 3 -2.98 7.07 19.15
N THR F 4 -2.97 5.74 19.18
CA THR F 4 -2.81 4.96 17.96
C THR F 4 -4.14 4.34 17.54
N ILE F 5 -4.61 4.73 16.37
CA ILE F 5 -5.91 4.30 15.88
C ILE F 5 -5.79 3.24 14.78
N SER F 6 -6.53 2.15 14.94
CA SER F 6 -6.62 1.13 13.90
C SER F 6 -8.02 1.14 13.29
N ALA F 7 -8.09 1.47 12.00
CA ALA F 7 -9.37 1.57 11.32
C ALA F 7 -9.39 0.75 10.03
N THR F 8 -10.49 0.07 9.78
CA THR F 8 -10.65 -0.66 8.53
C THR F 8 -10.76 0.32 7.36
N GLU F 9 -10.30 -0.12 6.19
CA GLU F 9 -10.34 0.72 4.99
C GLU F 9 -11.75 1.15 4.63
N GLY F 10 -11.87 2.32 4.00
CA GLY F 10 -13.15 2.79 3.52
C GLY F 10 -13.45 4.25 3.82
N LEU F 11 -12.74 4.83 4.76
CA LEU F 11 -12.98 6.22 5.14
C LEU F 11 -12.41 7.20 4.12
N SER F 12 -13.11 8.31 3.93
CA SER F 12 -12.64 9.38 3.06
C SER F 12 -11.52 10.15 3.73
N ALA F 13 -10.79 10.94 2.96
CA ALA F 13 -9.72 11.76 3.50
C ALA F 13 -10.26 12.76 4.51
N GLU F 14 -11.44 13.29 4.25
CA GLU F 14 -12.07 14.26 5.14
C GLU F 14 -12.36 13.67 6.51
N LYS F 15 -12.94 12.47 6.52
CA LYS F 15 -13.29 11.80 7.78
C LYS F 15 -12.04 11.36 8.54
N LYS F 16 -10.99 10.99 7.80
CA LYS F 16 -9.71 10.69 8.42
C LYS F 16 -9.18 11.91 9.14
N LYS F 17 -9.22 13.05 8.45
CA LYS F 17 -8.80 14.32 9.01
C LYS F 17 -9.63 14.67 10.24
N GLN F 18 -10.93 14.46 10.14
CA GLN F 18 -11.85 14.70 11.25
C GLN F 18 -11.55 13.79 12.44
N LEU F 19 -11.28 12.52 12.14
CA LEU F 19 -11.03 11.53 13.18
C LEU F 19 -9.84 11.92 14.07
N LEU F 20 -8.73 12.27 13.44
CA LEU F 20 -7.51 12.59 14.19
C LEU F 20 -7.63 13.93 14.92
N GLU F 21 -8.21 14.93 14.26
CA GLU F 21 -8.37 16.25 14.86
C GLU F 21 -9.19 16.20 16.14
N ARG F 22 -10.34 15.52 16.08
CA ARG F 22 -11.22 15.41 17.22
C ARG F 22 -10.67 14.44 18.27
N SER F 23 -9.83 13.50 17.84
CA SER F 23 -9.17 12.61 18.78
C SER F 23 -8.20 13.39 19.65
N SER F 24 -7.50 14.35 19.02
CA SER F 24 -6.60 15.23 19.73
C SER F 24 -7.37 16.07 20.75
N ASP F 25 -8.52 16.58 20.34
CA ASP F 25 -9.38 17.35 21.24
C ASP F 25 -9.82 16.51 22.43
N ALA F 26 -10.21 15.27 22.15
CA ALA F 26 -10.69 14.35 23.18
C ALA F 26 -9.65 14.14 24.27
N VAL F 27 -8.38 14.10 23.88
CA VAL F 27 -7.30 13.92 24.84
C VAL F 27 -7.10 15.17 25.70
N VAL F 28 -7.02 16.32 25.03
CA VAL F 28 -6.81 17.60 25.71
C VAL F 28 -7.87 17.86 26.78
N GLN F 29 -9.12 17.54 26.46
CA GLN F 29 -10.24 17.89 27.33
C GLN F 29 -10.57 16.81 28.37
N SER F 30 -10.09 15.59 28.17
CA SER F 30 -10.38 14.50 29.09
C SER F 30 -9.37 14.41 30.23
N ILE F 31 -8.09 14.55 29.90
CA ILE F 31 -7.04 14.39 30.91
C ILE F 31 -6.25 15.68 31.12
N GLY F 32 -6.69 16.75 30.48
CA GLY F 32 -6.05 18.06 30.65
C GLY F 32 -4.64 18.12 30.10
N ALA F 33 -4.35 17.28 29.11
CA ALA F 33 -3.03 17.25 28.50
C ALA F 33 -2.82 18.47 27.60
N PRO F 34 -1.62 19.06 27.67
CA PRO F 34 -1.25 20.16 26.77
C PRO F 34 -1.28 19.69 25.32
N LEU F 35 -1.81 20.52 24.44
CA LEU F 35 -1.90 20.19 23.02
C LEU F 35 -0.53 19.87 22.42
N ALA F 36 0.49 20.56 22.92
CA ALA F 36 1.84 20.41 22.40
C ALA F 36 2.42 19.01 22.62
N SER F 37 1.78 18.23 23.50
CA SER F 37 2.29 16.91 23.85
C SER F 37 1.42 15.78 23.29
N VAL F 38 0.33 16.13 22.63
CA VAL F 38 -0.61 15.14 22.14
C VAL F 38 -0.29 14.70 20.71
N ARG F 39 -0.18 13.38 20.52
CA ARG F 39 0.10 12.81 19.20
C ARG F 39 -0.95 11.77 18.82
N VAL F 40 -1.36 11.77 17.56
CA VAL F 40 -2.32 10.79 17.07
C VAL F 40 -1.80 10.10 15.81
N MET F 41 -1.74 8.77 15.85
CA MET F 41 -1.29 7.99 14.69
C MET F 41 -2.42 7.11 14.17
N LEU F 42 -2.46 6.93 12.85
CA LEU F 42 -3.52 6.15 12.20
C LEU F 42 -2.96 5.03 11.34
N HIS F 43 -3.42 3.81 11.58
CA HIS F 43 -3.07 2.67 10.76
C HIS F 43 -4.33 2.08 10.12
N GLU F 44 -4.32 1.96 8.80
CA GLU F 44 -5.49 1.49 8.08
C GLU F 44 -5.40 -0.01 7.78
N LEU F 45 -6.45 -0.74 8.12
CA LEU F 45 -6.49 -2.19 7.89
C LEU F 45 -7.21 -2.53 6.60
N PRO F 46 -6.49 -3.18 5.67
CA PRO F 46 -7.05 -3.57 4.37
C PRO F 46 -8.11 -4.67 4.51
N GLY F 47 -8.86 -4.92 3.45
CA GLY F 47 -9.90 -5.94 3.45
C GLY F 47 -9.33 -7.32 3.68
N GLY F 48 -9.92 -8.05 4.63
CA GLY F 48 -9.49 -9.39 4.94
C GLY F 48 -8.43 -9.44 6.02
N HIS F 49 -8.01 -8.26 6.49
CA HIS F 49 -6.98 -8.18 7.53
C HIS F 49 -7.59 -7.91 8.90
N TYR F 50 -8.93 -7.93 8.96
CA TYR F 50 -9.62 -7.74 10.23
C TYR F 50 -10.72 -8.78 10.41
N LEU F 51 -10.54 -9.66 11.40
CA LEU F 51 -11.54 -10.66 11.71
C LEU F 51 -12.30 -10.26 12.97
N ASN F 52 -13.61 -10.08 12.83
CA ASN F 52 -14.45 -9.61 13.94
C ASN F 52 -15.47 -10.66 14.36
N ALA F 53 -15.13 -11.38 15.44
CA ALA F 53 -15.99 -12.43 15.99
C ALA F 53 -16.36 -13.48 14.93
N GLY F 54 -15.40 -13.80 14.08
CA GLY F 54 -15.60 -14.84 13.08
C GLY F 54 -15.97 -14.31 11.71
N GLN F 55 -16.25 -13.02 11.62
CA GLN F 55 -16.66 -12.43 10.35
C GLN F 55 -15.60 -11.49 9.77
N PHE F 56 -15.37 -11.61 8.47
CA PHE F 56 -14.49 -10.70 7.75
C PHE F 56 -15.29 -9.52 7.20
N ASN F 57 -14.56 -8.50 6.75
CA ASN F 57 -15.16 -7.38 6.01
C ASN F 57 -16.20 -6.58 6.79
N THR F 58 -16.01 -6.45 8.10
CA THR F 58 -16.86 -5.60 8.91
C THR F 58 -16.09 -4.34 9.30
N PRO F 59 -16.81 -3.22 9.50
CA PRO F 59 -16.16 -1.98 9.91
C PRO F 59 -15.44 -2.11 11.26
N GLY F 60 -14.26 -1.52 11.37
CA GLY F 60 -13.49 -1.61 12.59
C GLY F 60 -12.90 -0.27 12.98
N LEU F 61 -12.89 0.02 14.28
CA LEU F 61 -12.29 1.23 14.80
C LEU F 61 -11.83 1.03 16.24
N MET F 62 -10.52 0.96 16.44
CA MET F 62 -9.96 0.66 17.74
C MET F 62 -8.92 1.69 18.17
N PHE F 63 -9.07 2.20 19.38
CA PHE F 63 -8.15 3.18 19.94
C PHE F 63 -7.20 2.54 20.95
N VAL F 64 -5.92 2.89 20.85
CA VAL F 64 -4.94 2.48 21.85
C VAL F 64 -4.15 3.68 22.33
N VAL F 65 -4.22 3.96 23.62
CA VAL F 65 -3.52 5.11 24.19
C VAL F 65 -2.31 4.70 25.03
N ASP F 66 -1.14 5.21 24.65
CA ASP F 66 0.07 5.01 25.43
C ASP F 66 0.40 6.28 26.20
N PHE F 67 0.35 6.21 27.52
CA PHE F 67 0.56 7.40 28.35
C PHE F 67 1.11 7.03 29.73
N ILE F 68 1.59 8.06 30.44
CA ILE F 68 2.25 7.87 31.73
C ILE F 68 1.24 7.58 32.84
N GLU F 69 1.63 6.72 33.79
CA GLU F 69 0.84 6.47 34.99
C GLU F 69 0.46 7.75 35.73
N GLY F 70 -0.55 7.65 36.59
CA GLY F 70 -0.87 8.74 37.49
C GLY F 70 -2.21 9.42 37.28
N ARG F 71 -2.93 9.03 36.22
CA ARG F 71 -4.24 9.62 35.97
C ARG F 71 -5.30 9.02 36.86
N THR F 72 -6.22 9.86 37.31
CA THR F 72 -7.32 9.39 38.15
C THR F 72 -8.28 8.54 37.32
N GLU F 73 -9.06 7.71 37.99
CA GLU F 73 -10.08 6.89 37.36
C GLU F 73 -11.05 7.74 36.56
N GLU F 74 -11.41 8.89 37.12
CA GLU F 74 -12.33 9.82 36.47
C GLU F 74 -11.78 10.31 35.14
N GLN F 75 -10.49 10.67 35.13
CA GLN F 75 -9.82 11.10 33.90
C GLN F 75 -9.78 9.98 32.88
N ARG F 76 -9.51 8.77 33.36
CA ARG F 76 -9.31 7.62 32.51
C ARG F 76 -10.64 7.14 31.93
N ASN F 77 -11.69 7.19 32.75
CA ASN F 77 -13.03 6.85 32.28
C ASN F 77 -13.53 7.87 31.26
N ALA F 78 -13.17 9.14 31.50
CA ALA F 78 -13.56 10.21 30.60
C ALA F 78 -12.85 10.10 29.25
N LEU F 79 -11.59 9.67 29.29
CA LEU F 79 -10.79 9.52 28.07
C LEU F 79 -11.36 8.41 27.19
N ILE F 80 -11.73 7.31 27.82
CA ILE F 80 -12.33 6.18 27.10
C ILE F 80 -13.66 6.59 26.48
N ALA F 81 -14.49 7.28 27.27
CA ALA F 81 -15.79 7.73 26.79
C ALA F 81 -15.67 8.73 25.65
N ALA F 82 -14.72 9.65 25.77
CA ALA F 82 -14.55 10.71 24.77
C ALA F 82 -14.03 10.17 23.43
N LEU F 83 -13.12 9.22 23.49
CA LEU F 83 -12.55 8.64 22.28
C LEU F 83 -13.57 7.73 21.59
N SER F 84 -14.36 7.02 22.38
CA SER F 84 -15.42 6.18 21.84
C SER F 84 -16.47 7.05 21.14
N LYS F 85 -16.87 8.13 21.79
CA LYS F 85 -17.84 9.06 21.24
C LYS F 85 -17.31 9.74 19.99
N THR F 86 -16.07 10.19 20.04
CA THR F 86 -15.41 10.82 18.90
C THR F 86 -15.40 9.90 17.69
N GLY F 87 -15.04 8.64 17.93
CA GLY F 87 -14.97 7.65 16.86
C GLY F 87 -16.29 7.46 16.14
N THR F 88 -17.38 7.43 16.90
CA THR F 88 -18.70 7.22 16.34
C THR F 88 -19.17 8.44 15.55
N GLU F 89 -18.89 9.63 16.07
CA GLU F 89 -19.31 10.88 15.44
C GLU F 89 -18.60 11.11 14.11
N THR F 90 -17.35 10.65 14.00
CA THR F 90 -16.54 10.93 12.83
C THR F 90 -16.59 9.85 11.76
N THR F 91 -16.91 8.62 12.16
CA THR F 91 -16.88 7.50 11.22
C THR F 91 -18.26 6.88 11.02
N GLY F 92 -19.16 7.06 11.97
CA GLY F 92 -20.49 6.50 11.89
C GLY F 92 -20.57 5.12 12.50
N ILE F 93 -19.42 4.55 12.84
CA ILE F 93 -19.36 3.25 13.52
C ILE F 93 -19.83 3.39 14.96
N PRO F 94 -20.88 2.63 15.32
CA PRO F 94 -21.50 2.74 16.65
C PRO F 94 -20.52 2.42 17.78
N GLU F 95 -20.76 3.01 18.95
CA GLU F 95 -19.90 2.80 20.12
C GLU F 95 -19.89 1.35 20.57
N SER F 96 -20.87 0.59 20.11
CA SER F 96 -20.95 -0.84 20.40
C SER F 96 -19.79 -1.60 19.76
N GLU F 97 -19.28 -1.07 18.65
CA GLU F 97 -18.18 -1.71 17.94
C GLU F 97 -16.84 -1.01 18.19
N VAL F 98 -16.90 0.29 18.48
CA VAL F 98 -15.71 1.08 18.79
C VAL F 98 -15.06 0.60 20.09
N ARG F 99 -13.73 0.55 20.11
CA ARG F 99 -13.00 0.10 21.29
C ARG F 99 -11.83 1.04 21.62
N VAL F 100 -11.58 1.25 22.91
CA VAL F 100 -10.46 2.06 23.36
C VAL F 100 -9.62 1.32 24.41
N ARG F 101 -8.32 1.20 24.17
CA ARG F 101 -7.39 0.61 25.13
C ARG F 101 -6.44 1.66 25.72
N LEU F 102 -6.11 1.51 27.01
CA LEU F 102 -5.16 2.40 27.65
C LEU F 102 -3.92 1.65 28.14
N LEU F 103 -2.74 2.21 27.88
CA LEU F 103 -1.49 1.64 28.37
C LEU F 103 -0.79 2.57 29.35
N ASP F 104 -0.58 2.11 30.57
CA ASP F 104 0.17 2.87 31.55
C ASP F 104 1.67 2.62 31.39
N PHE F 105 2.44 3.70 31.34
CA PHE F 105 3.89 3.61 31.32
C PHE F 105 4.47 4.28 32.56
N PRO F 106 5.37 3.57 33.26
CA PRO F 106 6.08 4.25 34.35
C PRO F 106 6.97 5.34 33.79
N LYS F 107 7.24 6.38 34.58
CA LYS F 107 8.06 7.50 34.13
C LYS F 107 9.45 7.05 33.71
N ALA F 108 9.91 5.94 34.27
CA ALA F 108 11.22 5.39 33.95
C ALA F 108 11.27 4.85 32.51
N ASN F 109 10.11 4.44 31.99
CA ASN F 109 10.06 3.82 30.67
C ASN F 109 9.60 4.74 29.55
N MET F 110 9.05 5.90 29.91
CA MET F 110 8.54 6.82 28.91
C MET F 110 9.57 7.87 28.52
N GLY F 111 10.19 7.69 27.36
CA GLY F 111 11.15 8.65 26.85
C GLY F 111 10.47 9.94 26.42
N MET F 112 11.19 11.04 26.58
CA MET F 112 10.66 12.36 26.22
C MET F 112 11.56 13.00 25.17
N ALA F 113 11.46 14.32 25.04
CA ALA F 113 12.32 15.06 24.13
C ALA F 113 13.76 15.05 24.64
N GLY F 114 14.70 14.85 23.72
CA GLY F 114 16.11 14.86 24.06
C GLY F 114 16.64 13.50 24.49
N GLY F 115 15.86 12.45 24.26
CA GLY F 115 16.28 11.10 24.57
C GLY F 115 16.46 10.82 26.05
N ILE F 116 15.62 11.45 26.87
CA ILE F 116 15.64 11.21 28.31
C ILE F 116 14.26 10.86 28.82
N SER F 117 14.20 9.97 29.81
CA SER F 117 12.92 9.51 30.35
C SER F 117 12.25 10.59 31.20
N ALA F 118 10.97 10.39 31.47
CA ALA F 118 10.19 11.35 32.27
C ALA F 118 10.70 11.43 33.70
N LYS F 119 11.17 10.30 34.22
CA LYS F 119 11.68 10.25 35.58
C LYS F 119 12.97 11.06 35.71
N ALA F 120 13.91 10.83 34.79
CA ALA F 120 15.17 11.55 34.79
C ALA F 120 14.96 13.03 34.52
N MET F 121 13.89 13.34 33.80
CA MET F 121 13.55 14.72 33.49
C MET F 121 13.11 15.47 34.74
N GLY F 122 12.54 14.74 35.69
CA GLY F 122 12.12 15.34 36.96
C GLY F 122 10.99 16.33 36.80
#